data_6OFR
#
_entry.id   6OFR
#
_cell.length_a   76.520
_cell.length_b   76.520
_cell.length_c   412.750
_cell.angle_alpha   90.00
_cell.angle_beta   90.00
_cell.angle_gamma   90.00
#
_symmetry.space_group_name_H-M   'P 41 21 2'
#
loop_
_entity.id
_entity.type
_entity.pdbx_description
1 polymer 'TonB-dependent outer membrane receptor'
2 non-polymer 'octyl beta-D-glucopyranoside'
3 non-polymer 'MAGNESIUM ION'
4 non-polymer GLYCEROL
5 water water
#
_entity_poly.entity_id   1
_entity_poly.type   'polypeptide(L)'
_entity_poly.pdbx_seq_one_letter_code
;FFEEMTVYAPVPVPVNGNTHYTSESIERLPTGNGNISDLLRTNPAVRMDSTQSTSLNQGDIRPEKISIHGASPYQNAYLI
DGISATNNLNPANESDASSATNISGMSQGYYLDVSLLDNVTLYDSFVPVEFGRFNGGVIDAKIKRFNADDSKVKLGYRTT
RSDWLTSHIDENNKSAFNQGSSGSTYYSPDFKKNFYTLSFNQELADNFGVTAGLSRRQSDITRADYVSNDGIVAGRAQYK
NVIDTALSKFTWFASDRFTHDLTLKYTGSSRDYNTSTFPQSDREMGNKSYGLAWDMDTQLAWAKLRTTVGWDHISDYTRH
DHDIWYTELSCTYGDITGRCTRGGLGHISQAVDNYTFKTRLDWQKFAVGNVSHQPYFGAEYIYSDAWTERHNQSESYVIN
AAGKKTNHTIYHKGKGRLGIDNYTLYMADRISWRNVSLMPGVRYDYDNYLSNHNISPRFMTEWDIFANQTSMITAGYNRY
YGGNILDMGLRDIRNSWTESVSGNKTLTRYQDLKTPYNDELAMGLQQKIGKNVIARANYVYREAHDQISKSSRTDSATKT
TITEYNNDGKTKTHSFSLSFELAEPLHIRQVDINPQIVFSYIKSKGNLSLNNGYEESNTGDNQVVYNGNLVSYDSVPVAD
FNNPLKISLNMDFTHQPSGLVWANTLAWQEARKARIILGKTNAQYISEYSDYKQYVDEKLDSSLTWDTRLSWTPQFLQQQ
NLTISADILNVLDSKTAVDTTNTGVATYASGRTFWLDVSMKF
;
_entity_poly.pdbx_strand_id   A
#
# COMPACT_ATOMS: atom_id res chain seq x y z
N PHE A 1 -11.22 20.51 -16.56
CA PHE A 1 -11.37 21.97 -16.36
C PHE A 1 -10.01 22.64 -16.58
N PHE A 2 -8.95 22.06 -16.04
CA PHE A 2 -7.58 22.62 -16.21
C PHE A 2 -7.01 22.08 -17.53
N GLU A 3 -6.38 22.93 -18.33
CA GLU A 3 -5.79 22.52 -19.60
C GLU A 3 -4.69 21.46 -19.39
N GLU A 4 -4.72 20.40 -20.19
CA GLU A 4 -3.74 19.30 -20.03
C GLU A 4 -3.33 18.68 -21.38
N MET A 5 -2.06 18.33 -21.50
CA MET A 5 -1.48 17.64 -22.65
C MET A 5 -1.59 16.16 -22.23
N THR A 6 -2.41 15.39 -22.96
CA THR A 6 -2.67 13.97 -22.59
C THR A 6 -1.40 13.12 -22.68
N VAL A 7 -1.32 12.07 -21.87
CA VAL A 7 -0.10 11.20 -21.86
C VAL A 7 -0.26 10.12 -22.93
N TYR A 8 0.52 10.20 -23.99
CA TYR A 8 0.49 9.18 -25.08
C TYR A 8 1.57 8.14 -24.83
N ALA A 9 2.39 8.34 -23.80
CA ALA A 9 3.56 7.49 -23.50
C ALA A 9 3.16 6.10 -22.98
N PRO A 10 4.12 5.17 -22.98
CA PRO A 10 3.96 3.79 -22.53
C PRO A 10 3.58 3.75 -21.05
N VAL A 11 4.23 4.54 -20.21
CA VAL A 11 3.92 4.53 -18.78
C VAL A 11 3.17 5.80 -18.34
N PRO A 12 1.99 5.70 -17.66
CA PRO A 12 1.33 6.92 -17.19
C PRO A 12 2.21 7.66 -16.16
N VAL A 13 2.17 8.99 -16.25
CA VAL A 13 2.93 9.89 -15.33
C VAL A 13 1.98 10.96 -14.80
N PRO A 14 2.39 11.66 -13.74
CA PRO A 14 1.57 12.69 -13.11
C PRO A 14 1.30 13.91 -14.00
N VAL A 15 0.02 14.21 -14.22
CA VAL A 15 -0.36 15.44 -14.96
C VAL A 15 -1.25 16.25 -14.02
N ASN A 16 -0.82 17.45 -13.63
CA ASN A 16 -1.56 18.33 -12.69
C ASN A 16 -1.72 17.66 -11.33
N GLY A 17 -0.73 16.86 -10.94
CA GLY A 17 -0.79 16.17 -9.63
C GLY A 17 -1.54 14.85 -9.69
N ASN A 18 -2.01 14.41 -10.84
CA ASN A 18 -2.74 13.11 -10.83
C ASN A 18 -2.30 12.23 -12.01
N THR A 19 -2.28 10.92 -11.80
CA THR A 19 -1.88 9.97 -12.85
C THR A 19 -3.03 9.02 -13.10
N HIS A 20 -3.40 8.82 -14.35
CA HIS A 20 -4.55 7.91 -14.68
C HIS A 20 -4.01 6.61 -15.29
N TYR A 21 -4.44 5.47 -14.75
CA TYR A 21 -4.02 4.17 -15.25
C TYR A 21 -5.24 3.52 -15.84
N THR A 22 -5.27 3.36 -17.15
CA THR A 22 -6.44 2.73 -17.83
C THR A 22 -6.28 1.20 -17.79
N SER A 23 -7.34 0.45 -18.08
CA SER A 23 -7.25 -1.03 -18.07
C SER A 23 -6.32 -1.52 -19.17
N GLU A 24 -6.22 -0.75 -20.25
CA GLU A 24 -5.34 -1.02 -21.36
C GLU A 24 -3.90 -0.93 -20.84
N SER A 25 -3.61 0.11 -20.05
CA SER A 25 -2.28 0.34 -19.51
C SER A 25 -1.97 -0.58 -18.33
N ILE A 26 -2.97 -1.10 -17.62
CA ILE A 26 -2.76 -2.04 -16.51
C ILE A 26 -2.36 -3.41 -17.14
N GLU A 27 -2.98 -3.78 -18.26
CA GLU A 27 -2.80 -5.04 -19.00
C GLU A 27 -1.51 -5.04 -19.82
N ARG A 28 -1.12 -3.90 -20.36
CA ARG A 28 0.08 -3.78 -21.19
C ARG A 28 1.34 -3.86 -20.37
N LEU A 29 1.31 -3.30 -19.17
CA LEU A 29 2.49 -3.28 -18.26
C LEU A 29 2.54 -4.57 -17.44
N PRO A 30 3.73 -5.17 -17.30
CA PRO A 30 3.92 -6.38 -16.50
C PRO A 30 3.68 -5.98 -15.05
N THR A 31 2.70 -6.56 -14.37
CA THR A 31 2.36 -6.12 -12.98
C THR A 31 2.54 -7.21 -11.91
N GLY A 32 3.33 -8.25 -12.14
CA GLY A 32 3.55 -9.31 -11.14
C GLY A 32 2.28 -9.86 -10.53
N ASN A 33 2.11 -9.69 -9.22
CA ASN A 33 0.94 -10.20 -8.46
C ASN A 33 -0.33 -9.47 -8.90
N GLY A 34 -0.23 -8.27 -9.44
CA GLY A 34 -1.40 -7.53 -9.88
C GLY A 34 -2.10 -6.79 -8.77
N ASN A 35 -1.32 -6.34 -7.81
CA ASN A 35 -1.75 -5.50 -6.71
C ASN A 35 -1.52 -4.06 -7.18
N ILE A 36 -2.25 -3.10 -6.61
CA ILE A 36 -2.16 -1.68 -6.98
C ILE A 36 -0.70 -1.18 -6.81
N SER A 37 0.04 -1.69 -5.78
CA SER A 37 1.46 -1.34 -5.56
C SER A 37 2.37 -1.69 -6.79
N ASP A 38 1.99 -2.76 -7.55
CA ASP A 38 2.71 -3.18 -8.76
C ASP A 38 2.50 -2.14 -9.89
N LEU A 39 1.27 -1.59 -9.95
CA LEU A 39 0.89 -0.57 -10.91
C LEU A 39 1.64 0.75 -10.63
N LEU A 40 1.68 1.18 -9.34
CA LEU A 40 2.26 2.46 -8.92
C LEU A 40 3.79 2.48 -8.76
N ARG A 41 4.47 1.34 -8.83
CA ARG A 41 5.95 1.31 -8.66
C ARG A 41 6.63 2.19 -9.72
N THR A 42 6.07 2.27 -10.92
CA THR A 42 6.61 3.05 -12.03
C THR A 42 6.34 4.55 -11.90
N ASN A 43 5.55 4.99 -10.94
CA ASN A 43 5.21 6.44 -10.85
C ASN A 43 6.38 7.24 -10.27
N PRO A 44 6.75 8.36 -10.90
CA PRO A 44 7.86 9.18 -10.36
C PRO A 44 7.61 9.87 -8.99
N ALA A 45 6.37 9.87 -8.48
CA ALA A 45 6.05 10.42 -7.14
C ALA A 45 6.15 9.34 -6.05
N VAL A 46 6.30 8.07 -6.44
CA VAL A 46 6.26 6.92 -5.55
C VAL A 46 7.64 6.31 -5.28
N ARG A 47 7.84 5.88 -4.03
CA ARG A 47 9.04 5.14 -3.61
C ARG A 47 8.51 3.92 -2.85
N MET A 48 9.09 2.77 -3.12
CA MET A 48 8.74 1.51 -2.47
C MET A 48 9.82 1.23 -1.42
N ASP A 49 9.60 0.22 -0.60
CA ASP A 49 10.62 -0.25 0.30
C ASP A 49 11.26 -1.47 -0.43
N SER A 50 12.48 -1.32 -0.96
CA SER A 50 13.17 -2.42 -1.66
C SER A 50 13.53 -3.64 -0.77
N THR A 51 13.49 -3.48 0.58
CA THR A 51 13.75 -4.56 1.56
C THR A 51 12.49 -5.42 1.85
N GLN A 52 11.31 -5.05 1.30
CA GLN A 52 10.05 -5.73 1.55
C GLN A 52 9.84 -7.01 0.74
N SER A 53 9.82 -6.90 -0.58
CA SER A 53 9.61 -8.02 -1.51
C SER A 53 10.96 -8.28 -2.14
N THR A 54 11.63 -9.37 -1.69
CA THR A 54 13.01 -9.74 -2.05
C THR A 54 13.12 -11.13 -2.69
N SER A 55 14.34 -11.63 -2.84
CA SER A 55 14.59 -12.98 -3.42
C SER A 55 14.14 -14.07 -2.44
N LEU A 56 14.01 -13.71 -1.19
CA LEU A 56 13.62 -14.61 -0.11
C LEU A 56 12.11 -14.85 0.05
N ASN A 57 11.27 -13.92 -0.40
CA ASN A 57 9.82 -14.08 -0.15
C ASN A 57 8.97 -13.73 -1.38
N GLN A 58 9.14 -14.38 -2.51
CA GLN A 58 8.31 -14.06 -3.70
C GLN A 58 6.99 -14.83 -3.64
N GLY A 59 6.87 -15.79 -2.73
CA GLY A 59 5.65 -16.57 -2.52
C GLY A 59 4.49 -15.70 -2.06
N ASP A 60 4.77 -14.72 -1.21
CA ASP A 60 3.75 -13.82 -0.70
C ASP A 60 3.16 -13.02 -1.86
N ILE A 61 1.84 -12.99 -1.96
CA ILE A 61 1.14 -12.29 -3.08
C ILE A 61 0.36 -11.08 -2.55
N ARG A 62 0.59 -10.63 -1.32
CA ARG A 62 -0.17 -9.47 -0.79
C ARG A 62 0.34 -8.16 -1.38
N PRO A 63 -0.42 -7.04 -1.23
CA PRO A 63 -0.04 -5.68 -1.66
C PRO A 63 1.17 -5.18 -0.85
N GLU A 64 1.96 -4.27 -1.42
CA GLU A 64 3.17 -3.76 -0.79
C GLU A 64 3.03 -2.28 -0.45
N LYS A 65 3.98 -1.75 0.33
CA LYS A 65 4.00 -0.41 0.86
C LYS A 65 4.42 0.59 -0.19
N ILE A 66 3.81 1.77 -0.15
CA ILE A 66 4.14 2.86 -1.11
C ILE A 66 4.21 4.20 -0.36
N SER A 67 5.30 4.91 -0.54
CA SER A 67 5.55 6.23 0.03
C SER A 67 5.35 7.27 -1.09
N ILE A 68 4.45 8.20 -0.85
CA ILE A 68 4.18 9.29 -1.83
C ILE A 68 4.82 10.58 -1.31
N HIS A 69 5.78 11.12 -2.05
CA HIS A 69 6.49 12.38 -1.70
C HIS A 69 7.05 12.37 -0.28
N GLY A 70 7.73 11.30 0.14
CA GLY A 70 8.33 11.27 1.48
C GLY A 70 7.34 10.95 2.59
N ALA A 71 6.06 10.80 2.28
CA ALA A 71 5.07 10.49 3.36
C ALA A 71 5.16 9.02 3.74
N SER A 72 4.69 8.63 4.91
CA SER A 72 4.80 7.20 5.29
C SER A 72 3.76 6.34 4.54
N PRO A 73 3.96 5.02 4.50
CA PRO A 73 3.09 4.05 3.81
C PRO A 73 1.72 3.80 4.49
N TYR A 74 1.50 4.34 5.67
CA TYR A 74 0.21 4.24 6.41
C TYR A 74 -0.54 5.57 6.28
N GLN A 75 -0.03 6.49 5.49
CA GLN A 75 -0.67 7.83 5.37
C GLN A 75 -1.27 8.04 3.98
N ASN A 76 -1.65 6.99 3.28
CA ASN A 76 -2.28 7.18 1.95
C ASN A 76 -3.78 6.90 2.09
N ALA A 77 -4.61 7.54 1.28
CA ALA A 77 -6.04 7.27 1.33
C ALA A 77 -6.32 6.35 0.15
N TYR A 78 -6.75 5.11 0.43
CA TYR A 78 -7.10 4.12 -0.60
C TYR A 78 -8.62 4.14 -0.72
N LEU A 79 -9.15 4.38 -1.91
CA LEU A 79 -10.63 4.44 -2.04
C LEU A 79 -11.10 3.54 -3.19
N ILE A 80 -12.35 3.10 -3.10
CA ILE A 80 -12.98 2.33 -4.21
C ILE A 80 -14.15 3.19 -4.68
N ASP A 81 -14.08 3.70 -5.91
CA ASP A 81 -15.11 4.57 -6.48
C ASP A 81 -15.37 5.82 -5.63
N GLY A 82 -14.31 6.39 -5.07
CA GLY A 82 -14.40 7.60 -4.23
C GLY A 82 -14.80 7.29 -2.79
N ILE A 83 -14.95 6.03 -2.42
CA ILE A 83 -15.37 5.69 -1.03
C ILE A 83 -14.18 5.09 -0.29
N SER A 84 -13.87 5.60 0.89
CA SER A 84 -12.78 5.11 1.71
C SER A 84 -12.74 3.57 1.80
N ALA A 85 -11.58 3.00 1.54
CA ALA A 85 -11.30 1.55 1.57
C ALA A 85 -9.90 1.39 2.21
N THR A 86 -9.67 2.19 3.23
CA THR A 86 -8.37 2.20 3.93
C THR A 86 -8.50 1.49 5.28
N ASN A 87 -7.53 0.67 5.62
CA ASN A 87 -7.51 -0.04 6.92
C ASN A 87 -6.77 0.86 7.91
N ASN A 88 -7.50 1.54 8.79
CA ASN A 88 -6.88 2.44 9.79
C ASN A 88 -6.79 1.74 11.15
N LEU A 89 -7.08 0.45 11.23
CA LEU A 89 -7.02 -0.24 12.55
C LEU A 89 -5.60 -0.27 13.11
N ASN A 90 -4.60 -0.72 12.36
CA ASN A 90 -3.21 -0.87 12.87
C ASN A 90 -2.33 -1.31 11.68
N PRO A 91 -2.23 -0.49 10.65
CA PRO A 91 -1.48 -0.75 9.42
C PRO A 91 0.03 -0.97 9.60
N ALA A 92 0.64 -0.40 10.64
CA ALA A 92 2.09 -0.54 10.90
C ALA A 92 2.46 -1.97 11.34
N ASN A 93 1.55 -2.75 11.91
CA ASN A 93 1.86 -4.12 12.37
C ASN A 93 1.74 -5.13 11.21
N GLU A 94 2.85 -5.51 10.58
CA GLU A 94 2.81 -6.43 9.42
C GLU A 94 3.28 -7.83 9.84
N SER A 95 3.87 -7.94 11.02
CA SER A 95 4.40 -9.18 11.60
C SER A 95 3.50 -10.37 11.36
N ASP A 96 4.09 -11.44 10.83
CA ASP A 96 3.45 -12.73 10.55
C ASP A 96 3.55 -13.66 11.80
N ALA A 97 4.11 -13.14 12.90
CA ALA A 97 4.29 -13.89 14.16
C ALA A 97 2.98 -14.30 14.84
N SER A 98 3.08 -15.33 15.66
CA SER A 98 2.04 -15.88 16.49
C SER A 98 2.29 -15.45 17.92
N SER A 99 1.21 -15.03 18.53
CA SER A 99 1.15 -14.61 19.95
C SER A 99 -0.30 -14.51 20.40
N ALA A 100 -0.56 -14.19 21.64
CA ALA A 100 -1.96 -14.04 22.10
C ALA A 100 -2.63 -12.86 21.38
N THR A 101 -1.90 -11.78 21.13
CA THR A 101 -2.50 -10.56 20.53
C THR A 101 -1.99 -10.22 19.11
N ASN A 102 -1.13 -10.99 18.46
CA ASN A 102 -0.59 -10.51 17.15
C ASN A 102 -1.58 -10.69 15.99
N ILE A 103 -1.81 -9.60 15.26
CA ILE A 103 -2.69 -9.58 14.05
C ILE A 103 -1.97 -8.79 12.96
N SER A 104 -1.69 -9.42 11.84
CA SER A 104 -0.98 -8.82 10.68
C SER A 104 -1.93 -7.97 9.82
N GLY A 105 -1.53 -6.75 9.55
CA GLY A 105 -2.35 -5.84 8.72
C GLY A 105 -1.50 -4.88 7.91
N MET A 106 -2.17 -4.10 7.08
CA MET A 106 -1.63 -3.08 6.18
C MET A 106 -2.69 -2.07 5.87
N SER A 107 -2.28 -0.92 5.28
CA SER A 107 -3.14 0.23 5.03
C SER A 107 -4.24 -0.01 3.98
N GLN A 108 -4.03 -0.92 3.02
CA GLN A 108 -5.00 -1.23 1.98
C GLN A 108 -6.08 -2.08 2.61
N GLY A 109 -7.31 -1.58 2.63
CA GLY A 109 -8.42 -2.32 3.21
C GLY A 109 -8.81 -3.55 2.42
N TYR A 110 -8.78 -3.44 1.09
CA TYR A 110 -9.10 -4.51 0.14
C TYR A 110 -7.87 -4.80 -0.69
N TYR A 111 -7.42 -6.04 -0.69
CA TYR A 111 -6.25 -6.45 -1.52
C TYR A 111 -6.77 -6.75 -2.93
N LEU A 112 -7.24 -5.73 -3.62
CA LEU A 112 -7.84 -5.80 -4.96
C LEU A 112 -6.91 -6.28 -6.09
N ASP A 113 -7.39 -7.22 -6.90
CA ASP A 113 -6.65 -7.65 -8.08
C ASP A 113 -6.95 -6.54 -9.09
N VAL A 114 -5.90 -5.81 -9.50
CA VAL A 114 -5.95 -4.69 -10.41
C VAL A 114 -6.45 -5.10 -11.82
N SER A 115 -6.27 -6.36 -12.23
CA SER A 115 -6.70 -6.81 -13.56
C SER A 115 -8.23 -6.79 -13.71
N LEU A 116 -8.95 -6.51 -12.63
CA LEU A 116 -10.44 -6.46 -12.72
C LEU A 116 -10.91 -5.00 -12.73
N LEU A 117 -10.05 -4.05 -12.38
CA LEU A 117 -10.46 -2.62 -12.28
C LEU A 117 -10.62 -1.95 -13.65
N ASP A 118 -11.57 -1.04 -13.76
CA ASP A 118 -11.80 -0.27 -14.97
C ASP A 118 -10.61 0.66 -15.18
N ASN A 119 -10.18 1.28 -14.09
CA ASN A 119 -9.04 2.24 -14.05
C ASN A 119 -8.66 2.56 -12.60
N VAL A 120 -7.43 3.02 -12.37
CA VAL A 120 -6.94 3.41 -11.06
C VAL A 120 -6.42 4.83 -11.26
N THR A 121 -6.80 5.75 -10.38
CA THR A 121 -6.32 7.16 -10.48
C THR A 121 -5.52 7.46 -9.21
N LEU A 122 -4.30 7.97 -9.35
CA LEU A 122 -3.48 8.32 -8.17
C LEU A 122 -3.33 9.84 -8.07
N TYR A 123 -3.67 10.43 -6.94
CA TYR A 123 -3.48 11.90 -6.76
C TYR A 123 -2.27 12.05 -5.84
N ASP A 124 -1.19 12.67 -6.30
CA ASP A 124 0.00 12.80 -5.47
C ASP A 124 0.20 14.20 -4.97
N SER A 125 -0.34 15.16 -5.69
CA SER A 125 -0.24 16.60 -5.36
C SER A 125 -1.42 17.36 -5.97
N PHE A 126 -1.55 18.64 -5.67
CA PHE A 126 -2.70 19.46 -6.14
C PHE A 126 -4.01 18.70 -5.90
N VAL A 127 -4.08 17.98 -4.79
CA VAL A 127 -5.29 17.15 -4.46
C VAL A 127 -6.45 18.09 -4.11
N PRO A 128 -7.61 17.90 -4.75
CA PRO A 128 -8.81 18.70 -4.56
C PRO A 128 -9.46 18.50 -3.18
N VAL A 129 -10.39 19.37 -2.81
CA VAL A 129 -11.04 19.37 -1.47
C VAL A 129 -11.82 18.09 -1.19
N GLU A 130 -12.36 17.42 -2.21
CA GLU A 130 -13.17 16.18 -2.01
C GLU A 130 -12.34 15.06 -1.34
N PHE A 131 -11.03 14.97 -1.58
CA PHE A 131 -10.20 13.91 -0.95
C PHE A 131 -9.50 14.44 0.31
N GLY A 132 -9.49 13.64 1.36
CA GLY A 132 -8.86 13.92 2.64
C GLY A 132 -8.51 12.69 3.44
N ARG A 133 -8.00 12.92 4.67
CA ARG A 133 -7.56 11.90 5.63
C ARG A 133 -6.38 11.09 5.06
N PHE A 134 -5.33 11.81 4.74
CA PHE A 134 -4.10 11.21 4.17
C PHE A 134 -2.96 12.23 4.26
N ASN A 135 -1.72 11.77 4.34
CA ASN A 135 -0.57 12.70 4.39
C ASN A 135 0.18 12.63 3.07
N GLY A 136 0.11 11.53 2.34
CA GLY A 136 0.90 11.45 1.09
C GLY A 136 0.05 11.50 -0.16
N GLY A 137 -0.73 10.47 -0.45
CA GLY A 137 -1.51 10.49 -1.69
C GLY A 137 -2.84 9.78 -1.58
N VAL A 138 -3.60 9.82 -2.66
CA VAL A 138 -4.92 9.22 -2.80
C VAL A 138 -4.92 8.27 -3.99
N ILE A 139 -5.34 7.02 -3.75
CA ILE A 139 -5.43 5.98 -4.77
C ILE A 139 -6.94 5.68 -4.95
N ASP A 140 -7.49 5.95 -6.11
CA ASP A 140 -8.90 5.69 -6.33
C ASP A 140 -9.15 4.61 -7.38
N ALA A 141 -9.54 3.42 -6.92
CA ALA A 141 -9.84 2.29 -7.82
C ALA A 141 -11.27 2.48 -8.36
N LYS A 142 -11.46 2.38 -9.68
CA LYS A 142 -12.82 2.58 -10.24
C LYS A 142 -13.36 1.24 -10.80
N ILE A 143 -14.65 1.00 -10.60
CA ILE A 143 -15.32 -0.26 -11.06
C ILE A 143 -16.04 0.01 -12.39
N LYS A 144 -15.92 -0.93 -13.33
CA LYS A 144 -16.52 -0.84 -14.69
C LYS A 144 -18.05 -0.83 -14.64
N ARG A 145 -18.66 0.01 -15.47
CA ARG A 145 -20.13 0.09 -15.64
C ARG A 145 -20.46 -0.72 -16.90
N PHE A 146 -21.53 -1.50 -16.92
CA PHE A 146 -21.89 -2.33 -18.11
C PHE A 146 -21.79 -1.57 -19.47
N ASN A 147 -21.20 -2.23 -20.48
CA ASN A 147 -21.02 -1.69 -21.84
C ASN A 147 -20.87 -2.81 -22.87
N LYS A 152 -20.00 -9.58 -23.21
CA LYS A 152 -18.53 -9.71 -23.06
C LYS A 152 -18.21 -10.60 -21.85
N VAL A 153 -17.56 -11.73 -22.08
CA VAL A 153 -17.14 -12.64 -20.99
C VAL A 153 -15.63 -12.88 -21.16
N LYS A 154 -14.85 -12.65 -20.12
CA LYS A 154 -13.39 -12.81 -20.21
C LYS A 154 -12.92 -13.81 -19.17
N LEU A 155 -12.12 -14.78 -19.61
CA LEU A 155 -11.49 -15.76 -18.74
C LEU A 155 -10.02 -15.54 -18.81
N GLY A 156 -9.36 -15.57 -17.67
CA GLY A 156 -7.91 -15.32 -17.66
C GLY A 156 -7.17 -16.30 -16.77
N TYR A 157 -6.07 -16.84 -17.25
CA TYR A 157 -5.23 -17.74 -16.43
C TYR A 157 -3.82 -17.15 -16.39
N ARG A 158 -3.23 -17.07 -15.21
CA ARG A 158 -1.87 -16.48 -15.08
C ARG A 158 -1.07 -17.40 -14.15
N THR A 159 0.18 -17.67 -14.45
CA THR A 159 0.95 -18.57 -13.56
C THR A 159 2.44 -18.24 -13.51
N THR A 160 3.07 -18.71 -12.46
CA THR A 160 4.52 -18.58 -12.20
C THR A 160 4.89 -19.56 -11.08
N ARG A 161 6.17 -19.77 -10.84
CA ARG A 161 6.60 -20.75 -9.81
C ARG A 161 8.04 -20.46 -9.38
N SER A 162 8.53 -21.16 -8.37
CA SER A 162 9.92 -20.94 -7.87
C SER A 162 10.96 -21.35 -8.93
N ASP A 163 10.64 -22.35 -9.77
CA ASP A 163 11.53 -22.77 -10.83
C ASP A 163 11.81 -21.68 -11.86
N TRP A 164 10.84 -20.79 -12.06
CA TRP A 164 10.98 -19.68 -13.04
C TRP A 164 11.49 -18.42 -12.35
N LEU A 165 11.93 -18.52 -11.11
CA LEU A 165 12.42 -17.34 -10.36
C LEU A 165 13.87 -17.57 -9.95
N THR A 166 14.77 -16.63 -10.23
CA THR A 166 16.19 -16.78 -9.82
C THR A 166 16.35 -16.10 -8.47
N SER A 167 16.81 -16.83 -7.45
CA SER A 167 16.95 -16.26 -6.09
C SER A 167 18.41 -15.94 -5.78
N HIS A 168 18.72 -14.69 -5.51
CA HIS A 168 20.08 -14.29 -5.11
C HIS A 168 20.02 -14.23 -3.60
N ILE A 169 20.70 -15.15 -2.97
CA ILE A 169 20.71 -15.40 -1.53
C ILE A 169 22.12 -15.44 -1.02
N ASP A 170 22.36 -14.80 0.15
CA ASP A 170 23.66 -14.87 0.81
C ASP A 170 23.72 -16.28 1.40
N GLU A 171 24.88 -16.93 1.44
CA GLU A 171 25.06 -18.29 1.99
C GLU A 171 24.55 -18.43 3.45
N ASN A 172 24.65 -17.34 4.25
CA ASN A 172 24.21 -17.30 5.67
C ASN A 172 22.72 -17.49 5.82
N ASN A 173 21.92 -17.12 4.80
CA ASN A 173 20.45 -17.30 4.84
C ASN A 173 19.97 -18.58 4.16
N LYS A 174 20.89 -19.32 3.55
CA LYS A 174 20.55 -20.55 2.80
C LYS A 174 19.75 -21.51 3.67
N SER A 175 20.20 -21.83 4.87
CA SER A 175 19.49 -22.81 5.74
C SER A 175 18.11 -22.30 6.13
N ALA A 176 17.97 -21.06 6.54
CA ALA A 176 16.63 -20.53 6.94
C ALA A 176 15.70 -20.51 5.73
N PHE A 177 16.21 -20.07 4.58
CA PHE A 177 15.41 -20.01 3.33
C PHE A 177 14.91 -21.40 2.94
N ASN A 178 15.76 -22.42 2.98
CA ASN A 178 15.37 -23.81 2.60
C ASN A 178 14.33 -24.36 3.58
N GLN A 179 14.48 -24.09 4.87
CA GLN A 179 13.49 -24.55 5.88
C GLN A 179 12.15 -23.87 5.60
N GLY A 180 12.20 -22.58 5.26
CA GLY A 180 10.99 -21.80 4.95
C GLY A 180 10.80 -20.66 5.93
N SER A 181 11.58 -20.63 6.99
CA SER A 181 11.46 -19.59 8.02
C SER A 181 12.65 -19.47 8.98
N SER A 182 12.71 -18.33 9.66
CA SER A 182 13.57 -18.01 10.80
C SER A 182 12.68 -17.31 11.87
N GLY A 183 12.20 -18.09 12.82
CA GLY A 183 11.29 -17.60 13.84
C GLY A 183 10.00 -17.12 13.20
N SER A 184 9.73 -15.80 13.30
CA SER A 184 8.51 -15.23 12.72
C SER A 184 8.68 -14.64 11.33
N THR A 185 9.88 -14.73 10.72
CA THR A 185 10.09 -14.27 9.37
C THR A 185 9.95 -15.48 8.45
N TYR A 186 9.03 -15.40 7.50
CA TYR A 186 8.74 -16.55 6.60
C TYR A 186 9.33 -16.32 5.21
N TYR A 187 9.82 -17.40 4.62
CA TYR A 187 10.43 -17.39 3.29
C TYR A 187 9.64 -18.26 2.35
N SER A 188 9.98 -18.23 1.06
CA SER A 188 9.25 -19.05 0.06
C SER A 188 10.22 -19.78 -0.87
N PRO A 189 10.92 -20.80 -0.37
CA PRO A 189 11.89 -21.63 -1.11
C PRO A 189 11.25 -22.34 -2.31
N ASP A 190 10.06 -22.89 -2.13
CA ASP A 190 9.31 -23.56 -3.18
C ASP A 190 7.87 -23.05 -3.21
N PHE A 191 7.38 -22.66 -4.38
CA PHE A 191 5.97 -22.17 -4.48
C PHE A 191 5.42 -22.33 -5.91
N LYS A 192 4.12 -22.23 -6.05
CA LYS A 192 3.39 -22.34 -7.31
C LYS A 192 2.23 -21.34 -7.29
N LYS A 193 2.23 -20.42 -8.25
CA LYS A 193 1.19 -19.36 -8.30
C LYS A 193 0.17 -19.64 -9.40
N ASN A 194 -1.10 -19.84 -9.04
CA ASN A 194 -2.16 -20.03 -10.06
C ASN A 194 -3.17 -18.91 -9.87
N PHE A 195 -3.32 -18.03 -10.86
CA PHE A 195 -4.25 -16.88 -10.76
C PHE A 195 -5.38 -17.09 -11.76
N TYR A 196 -6.63 -17.01 -11.33
CA TYR A 196 -7.78 -17.23 -12.24
C TYR A 196 -8.68 -15.99 -12.26
N THR A 197 -9.05 -15.48 -13.42
CA THR A 197 -9.94 -14.30 -13.47
C THR A 197 -11.16 -14.58 -14.37
N LEU A 198 -12.30 -14.04 -13.98
CA LEU A 198 -13.58 -14.15 -14.68
C LEU A 198 -14.27 -12.81 -14.55
N SER A 199 -14.45 -12.14 -15.69
CA SER A 199 -15.07 -10.80 -15.76
C SER A 199 -16.20 -10.79 -16.79
N PHE A 200 -17.34 -10.19 -16.49
CA PHE A 200 -18.41 -10.13 -17.52
C PHE A 200 -19.30 -8.91 -17.29
N ASN A 201 -19.89 -8.37 -18.34
CA ASN A 201 -20.86 -7.25 -18.26
C ASN A 201 -22.08 -7.68 -19.06
N GLN A 202 -23.28 -7.54 -18.52
CA GLN A 202 -24.48 -8.02 -19.26
C GLN A 202 -25.64 -7.04 -19.08
N GLU A 203 -26.23 -6.57 -20.16
CA GLU A 203 -27.42 -5.72 -20.08
C GLU A 203 -28.54 -6.68 -19.64
N LEU A 204 -29.07 -6.47 -18.43
CA LEU A 204 -30.11 -7.31 -17.83
C LEU A 204 -31.51 -6.95 -18.32
N ALA A 205 -31.71 -5.66 -18.71
CA ALA A 205 -32.96 -5.08 -19.21
C ALA A 205 -32.67 -3.70 -19.78
N ASP A 206 -33.71 -2.97 -20.21
CA ASP A 206 -33.55 -1.63 -20.81
C ASP A 206 -32.91 -0.66 -19.81
N ASN A 207 -31.79 -0.02 -20.20
CA ASN A 207 -31.01 0.94 -19.39
C ASN A 207 -30.56 0.39 -18.00
N PHE A 208 -30.58 -0.95 -17.84
CA PHE A 208 -30.18 -1.62 -16.62
C PHE A 208 -29.24 -2.80 -16.93
N GLY A 209 -28.11 -2.86 -16.24
CA GLY A 209 -27.12 -3.92 -16.42
C GLY A 209 -26.16 -4.08 -15.27
N VAL A 210 -25.25 -5.05 -15.37
CA VAL A 210 -24.28 -5.31 -14.27
C VAL A 210 -22.93 -5.75 -14.83
N THR A 211 -21.85 -5.49 -14.09
CA THR A 211 -20.49 -5.95 -14.44
C THR A 211 -19.99 -6.76 -13.25
N ALA A 212 -19.45 -7.95 -13.46
CA ALA A 212 -18.98 -8.78 -12.33
C ALA A 212 -17.52 -9.21 -12.57
N GLY A 213 -16.65 -8.96 -11.60
CA GLY A 213 -15.26 -9.34 -11.70
C GLY A 213 -14.91 -10.26 -10.57
N LEU A 214 -14.39 -11.43 -10.90
CA LEU A 214 -13.99 -12.43 -9.91
C LEU A 214 -12.58 -12.84 -10.20
N SER A 215 -11.80 -12.93 -9.13
CA SER A 215 -10.37 -13.29 -9.27
C SER A 215 -9.91 -14.15 -8.09
N ARG A 216 -9.23 -15.24 -8.36
CA ARG A 216 -8.65 -16.05 -7.26
C ARG A 216 -7.14 -16.12 -7.49
N ARG A 217 -6.36 -15.47 -6.65
CA ARG A 217 -4.89 -15.54 -6.81
C ARG A 217 -4.37 -16.46 -5.72
N GLN A 218 -3.76 -17.58 -6.09
CA GLN A 218 -3.28 -18.54 -5.07
C GLN A 218 -1.78 -18.81 -5.28
N SER A 219 -1.06 -18.91 -4.19
CA SER A 219 0.36 -19.18 -4.09
C SER A 219 0.49 -20.28 -3.05
N ASP A 220 1.01 -21.44 -3.46
CA ASP A 220 1.21 -22.57 -2.57
C ASP A 220 2.68 -22.70 -2.20
N ILE A 221 3.06 -22.11 -1.08
CA ILE A 221 4.47 -22.08 -0.60
C ILE A 221 4.81 -23.38 0.15
N THR A 222 5.91 -24.02 -0.19
CA THR A 222 6.32 -25.29 0.48
C THR A 222 7.44 -25.00 1.48
N ARG A 223 7.23 -25.35 2.74
CA ARG A 223 8.22 -25.15 3.82
C ARG A 223 8.34 -26.44 4.64
N ALA A 224 9.24 -26.46 5.61
CA ALA A 224 9.38 -27.64 6.49
C ALA A 224 8.26 -27.60 7.53
N ASP A 225 7.54 -28.69 7.75
CA ASP A 225 6.48 -28.67 8.74
C ASP A 225 7.08 -28.75 10.13
N TYR A 226 8.14 -29.55 10.27
CA TYR A 226 8.81 -29.66 11.59
C TYR A 226 10.34 -29.63 11.43
N VAL A 227 11.01 -28.86 12.27
CA VAL A 227 12.50 -28.77 12.28
C VAL A 227 12.95 -29.07 13.71
N SER A 228 13.96 -29.91 13.91
CA SER A 228 14.40 -30.29 15.27
C SER A 228 15.38 -29.27 15.86
N ASN A 229 15.85 -29.53 17.08
CA ASN A 229 16.85 -28.70 17.80
C ASN A 229 18.16 -28.70 17.02
N ASP A 230 18.51 -29.86 16.46
CA ASP A 230 19.69 -30.04 15.63
C ASP A 230 19.65 -29.21 14.35
N GLY A 231 18.45 -28.98 13.81
CA GLY A 231 18.26 -28.27 12.55
C GLY A 231 17.83 -29.23 11.46
N ILE A 232 17.50 -30.45 11.84
CA ILE A 232 17.08 -31.51 10.89
C ILE A 232 15.60 -31.40 10.54
N VAL A 233 15.32 -31.11 9.29
CA VAL A 233 13.94 -31.03 8.71
C VAL A 233 13.35 -32.44 8.74
N ALA A 234 12.13 -32.61 9.24
CA ALA A 234 11.51 -33.95 9.32
C ALA A 234 10.56 -34.16 8.14
N GLY A 235 9.82 -33.14 7.74
CA GLY A 235 8.87 -33.27 6.62
C GLY A 235 8.59 -31.92 5.98
N ARG A 236 7.85 -31.89 4.89
CA ARG A 236 7.54 -30.60 4.23
C ARG A 236 6.03 -30.52 3.98
N ALA A 237 5.48 -29.32 3.95
CA ALA A 237 4.02 -29.19 3.73
C ALA A 237 3.71 -27.97 2.84
N GLN A 238 2.53 -27.96 2.25
CA GLN A 238 2.04 -26.89 1.38
C GLN A 238 1.21 -25.87 2.20
N TYR A 239 1.68 -24.63 2.22
CA TYR A 239 1.03 -23.51 2.96
C TYR A 239 0.33 -22.59 1.95
N LYS A 240 -0.99 -22.70 1.88
CA LYS A 240 -1.86 -21.97 1.00
C LYS A 240 -1.96 -20.48 1.31
N ASN A 241 -1.59 -19.67 0.33
CA ASN A 241 -1.70 -18.20 0.38
C ASN A 241 -2.70 -17.81 -0.71
N VAL A 242 -3.90 -17.38 -0.36
CA VAL A 242 -4.89 -17.08 -1.43
C VAL A 242 -5.51 -15.70 -1.21
N ILE A 243 -5.70 -14.95 -2.28
CA ILE A 243 -6.42 -13.65 -2.21
C ILE A 243 -7.60 -13.75 -3.16
N ASP A 244 -8.82 -13.61 -2.67
CA ASP A 244 -10.00 -13.72 -3.51
C ASP A 244 -10.56 -12.34 -3.73
N THR A 245 -10.92 -12.02 -4.96
CA THR A 245 -11.51 -10.70 -5.24
C THR A 245 -12.88 -10.86 -5.90
N ALA A 246 -13.86 -10.12 -5.44
CA ALA A 246 -15.21 -10.15 -6.03
C ALA A 246 -15.73 -8.71 -6.14
N LEU A 247 -15.91 -8.20 -7.34
CA LEU A 247 -16.38 -6.83 -7.54
C LEU A 247 -17.59 -6.86 -8.45
N SER A 248 -18.63 -6.08 -8.15
CA SER A 248 -19.80 -6.08 -9.00
C SER A 248 -20.48 -4.76 -8.99
N LYS A 249 -20.99 -4.36 -10.14
CA LYS A 249 -21.67 -3.05 -10.22
C LYS A 249 -22.92 -3.13 -11.11
N PHE A 250 -24.05 -2.78 -10.52
CA PHE A 250 -25.36 -2.65 -11.17
C PHE A 250 -25.57 -1.16 -11.48
N THR A 251 -25.96 -0.83 -12.71
CA THR A 251 -26.25 0.54 -13.11
C THR A 251 -27.62 0.62 -13.77
N TRP A 252 -28.46 1.53 -13.27
CA TRP A 252 -29.80 1.78 -13.78
C TRP A 252 -29.85 3.22 -14.20
N PHE A 253 -29.91 3.45 -15.53
CA PHE A 253 -30.05 4.78 -16.09
C PHE A 253 -31.58 5.02 -16.13
N ALA A 254 -32.15 5.31 -14.92
CA ALA A 254 -33.57 5.48 -14.66
C ALA A 254 -34.26 6.52 -15.51
N SER A 255 -33.59 7.67 -15.78
CA SER A 255 -34.12 8.82 -16.52
C SER A 255 -33.03 9.89 -16.73
N ASP A 256 -33.42 11.03 -17.35
CA ASP A 256 -32.53 12.18 -17.61
C ASP A 256 -32.08 12.78 -16.27
N ARG A 257 -32.95 12.69 -15.28
CA ARG A 257 -32.69 13.24 -13.93
C ARG A 257 -31.88 12.24 -13.08
N PHE A 258 -32.33 11.00 -12.95
CA PHE A 258 -31.65 10.05 -12.03
C PHE A 258 -30.92 8.91 -12.74
N THR A 259 -29.81 8.51 -12.11
CA THR A 259 -28.92 7.39 -12.46
C THR A 259 -28.55 6.75 -11.14
N HIS A 260 -28.71 5.41 -11.05
CA HIS A 260 -28.40 4.67 -9.84
C HIS A 260 -27.31 3.69 -10.05
N ASP A 261 -26.46 3.52 -9.05
CA ASP A 261 -25.40 2.51 -9.07
C ASP A 261 -25.41 1.75 -7.77
N LEU A 262 -25.25 0.42 -7.84
CA LEU A 262 -25.17 -0.40 -6.67
C LEU A 262 -23.94 -1.24 -6.82
N THR A 263 -23.01 -1.04 -5.90
CA THR A 263 -21.70 -1.73 -5.93
C THR A 263 -21.52 -2.70 -4.76
N LEU A 264 -21.02 -3.89 -5.09
CA LEU A 264 -20.71 -4.98 -4.18
C LEU A 264 -19.20 -5.20 -4.30
N LYS A 265 -18.51 -5.21 -3.16
CA LYS A 265 -17.05 -5.29 -3.07
C LYS A 265 -16.65 -6.34 -2.05
N TYR A 266 -15.63 -7.12 -2.35
CA TYR A 266 -15.16 -8.15 -1.39
C TYR A 266 -13.75 -8.62 -1.72
N THR A 267 -12.84 -8.56 -0.75
CA THR A 267 -11.48 -9.11 -0.92
C THR A 267 -11.22 -10.10 0.22
N GLY A 268 -10.85 -11.33 -0.09
CA GLY A 268 -10.58 -12.33 0.95
C GLY A 268 -9.15 -12.83 0.92
N SER A 269 -8.34 -12.40 1.87
CA SER A 269 -6.92 -12.85 1.95
C SER A 269 -6.79 -13.89 3.05
N SER A 270 -6.10 -14.98 2.77
CA SER A 270 -5.91 -16.07 3.73
C SER A 270 -4.52 -16.70 3.53
N ARG A 271 -3.77 -16.86 4.64
CA ARG A 271 -2.43 -17.44 4.59
C ARG A 271 -2.21 -18.39 5.73
N ASP A 272 -1.79 -19.60 5.39
CA ASP A 272 -1.48 -20.63 6.37
C ASP A 272 -0.02 -20.57 6.77
N TYR A 273 0.21 -20.67 8.06
CA TYR A 273 1.58 -20.67 8.63
C TYR A 273 1.64 -21.70 9.76
N ASN A 274 2.83 -21.93 10.26
CA ASN A 274 3.08 -22.82 11.41
C ASN A 274 4.45 -22.47 12.01
N THR A 275 4.75 -22.88 13.22
CA THR A 275 6.13 -22.62 13.71
C THR A 275 6.90 -23.93 13.49
N SER A 276 7.94 -23.89 12.67
CA SER A 276 8.72 -25.11 12.33
C SER A 276 9.14 -25.85 13.61
N THR A 277 9.70 -25.14 14.58
CA THR A 277 10.15 -25.73 15.87
C THR A 277 8.98 -26.25 16.71
N PHE A 278 7.82 -25.61 16.71
CA PHE A 278 6.70 -26.06 17.59
C PHE A 278 5.67 -26.93 16.87
N PRO A 279 5.50 -28.18 17.30
CA PRO A 279 4.49 -29.09 16.72
C PRO A 279 3.06 -28.60 17.00
N GLN A 280 2.11 -28.94 16.12
CA GLN A 280 0.68 -28.54 16.24
C GLN A 280 0.56 -27.01 16.38
N SER A 281 1.32 -26.26 15.60
CA SER A 281 1.30 -24.77 15.69
C SER A 281 0.66 -24.17 14.43
N ASP A 282 -0.17 -24.91 13.73
CA ASP A 282 -0.80 -24.40 12.53
C ASP A 282 -1.69 -23.21 12.82
N ARG A 283 -1.71 -22.26 11.89
CA ARG A 283 -2.57 -21.06 12.07
C ARG A 283 -2.93 -20.45 10.71
N GLU A 284 -4.12 -19.87 10.63
CA GLU A 284 -4.61 -19.19 9.46
C GLU A 284 -4.55 -17.74 9.83
N MET A 285 -3.76 -16.97 9.10
CA MET A 285 -3.66 -15.52 9.32
C MET A 285 -4.30 -14.88 8.09
N GLY A 286 -5.25 -13.98 8.31
CA GLY A 286 -6.00 -13.42 7.18
C GLY A 286 -6.59 -12.04 7.34
N ASN A 287 -7.27 -11.57 6.27
CA ASN A 287 -7.86 -10.23 6.13
C ASN A 287 -9.07 -10.33 5.23
N LYS A 288 -10.26 -9.91 5.72
CA LYS A 288 -11.54 -9.95 5.00
C LYS A 288 -12.21 -8.57 5.00
N SER A 289 -12.61 -8.11 3.82
CA SER A 289 -13.28 -6.84 3.63
C SER A 289 -14.36 -6.98 2.63
N TYR A 290 -15.53 -6.44 2.93
CA TYR A 290 -16.68 -6.48 2.02
C TYR A 290 -17.54 -5.30 2.31
N GLY A 291 -18.32 -4.90 1.29
CA GLY A 291 -19.18 -3.75 1.43
C GLY A 291 -20.12 -3.51 0.27
N LEU A 292 -20.99 -2.51 0.45
CA LEU A 292 -22.05 -2.08 -0.48
C LEU A 292 -22.06 -0.57 -0.60
N ALA A 293 -22.46 -0.09 -1.75
CA ALA A 293 -22.56 1.34 -1.98
C ALA A 293 -23.62 1.61 -3.01
N TRP A 294 -24.56 2.47 -2.62
CA TRP A 294 -25.61 2.93 -3.49
C TRP A 294 -25.25 4.35 -3.83
N ASP A 295 -25.07 4.59 -5.12
CA ASP A 295 -24.76 5.88 -5.69
C ASP A 295 -25.95 6.36 -6.47
N MET A 296 -26.22 7.65 -6.36
CA MET A 296 -27.35 8.23 -7.11
C MET A 296 -26.92 9.58 -7.69
N ASP A 297 -27.09 9.78 -8.98
CA ASP A 297 -26.74 11.03 -9.58
C ASP A 297 -28.03 11.69 -9.98
N THR A 298 -28.28 12.87 -9.45
CA THR A 298 -29.53 13.57 -9.84
C THR A 298 -29.13 14.78 -10.68
N GLN A 299 -29.63 14.88 -11.90
CA GLN A 299 -29.23 16.03 -12.76
C GLN A 299 -30.35 17.07 -12.76
N LEU A 300 -30.04 18.26 -12.29
CA LEU A 300 -31.00 19.39 -12.30
C LEU A 300 -30.49 20.42 -13.31
N ALA A 301 -31.28 21.44 -13.64
CA ALA A 301 -30.77 22.40 -14.63
C ALA A 301 -29.65 23.30 -14.09
N TRP A 302 -29.76 23.74 -12.82
CA TRP A 302 -28.82 24.65 -12.16
C TRP A 302 -27.63 23.97 -11.43
N ALA A 303 -27.76 22.66 -11.17
CA ALA A 303 -26.70 21.92 -10.43
C ALA A 303 -26.84 20.42 -10.65
N LYS A 304 -25.82 19.67 -10.27
CA LYS A 304 -25.80 18.19 -10.34
C LYS A 304 -25.62 17.68 -8.90
N LEU A 305 -26.44 16.76 -8.43
CA LEU A 305 -26.28 16.29 -7.03
C LEU A 305 -25.82 14.83 -7.01
N ARG A 306 -24.74 14.54 -6.32
CA ARG A 306 -24.25 13.16 -6.19
C ARG A 306 -24.35 12.72 -4.76
N THR A 307 -25.10 11.62 -4.50
CA THR A 307 -25.25 11.08 -3.14
C THR A 307 -24.67 9.67 -3.07
N THR A 308 -24.16 9.28 -1.89
CA THR A 308 -23.62 7.95 -1.65
C THR A 308 -24.01 7.50 -0.28
N VAL A 309 -24.55 6.28 -0.21
CA VAL A 309 -24.91 5.61 1.03
C VAL A 309 -24.07 4.35 0.99
N GLY A 310 -23.17 4.23 1.94
CA GLY A 310 -22.29 3.07 1.96
C GLY A 310 -22.04 2.40 3.30
N TRP A 311 -21.69 1.10 3.23
CA TRP A 311 -21.29 0.27 4.37
C TRP A 311 -20.11 -0.61 3.97
N ASP A 312 -19.03 -0.58 4.76
CA ASP A 312 -17.84 -1.40 4.53
C ASP A 312 -17.38 -2.06 5.83
N HIS A 313 -16.99 -3.30 5.75
CA HIS A 313 -16.45 -4.06 6.84
C HIS A 313 -15.00 -4.37 6.48
N ILE A 314 -14.06 -3.91 7.30
CA ILE A 314 -12.61 -4.14 7.04
C ILE A 314 -12.03 -4.88 8.24
N SER A 315 -11.57 -6.11 8.06
CA SER A 315 -11.04 -6.90 9.17
C SER A 315 -9.74 -7.65 8.89
N ASP A 316 -9.02 -7.95 9.98
CA ASP A 316 -7.78 -8.73 9.99
C ASP A 316 -7.92 -9.77 11.11
N TYR A 317 -7.42 -10.98 10.95
CA TYR A 317 -7.59 -11.98 12.03
C TYR A 317 -6.46 -13.02 12.07
N THR A 318 -6.30 -13.69 13.23
CA THR A 318 -5.34 -14.78 13.44
C THR A 318 -6.17 -15.88 14.04
N ARG A 319 -6.19 -17.04 13.41
CA ARG A 319 -6.99 -18.14 13.90
C ARG A 319 -6.07 -19.35 14.00
N HIS A 320 -5.56 -19.62 15.20
CA HIS A 320 -4.73 -20.80 15.40
C HIS A 320 -5.61 -22.06 15.35
N ASP A 321 -4.98 -23.21 15.05
CA ASP A 321 -5.65 -24.50 15.03
C ASP A 321 -5.91 -24.90 16.47
N HIS A 322 -4.96 -24.60 17.36
CA HIS A 322 -5.05 -24.96 18.76
C HIS A 322 -5.29 -23.75 19.65
N ASP A 323 -5.76 -23.99 20.87
CA ASP A 323 -6.08 -22.94 21.82
C ASP A 323 -5.11 -22.87 22.98
N ILE A 324 -4.28 -23.89 23.12
CA ILE A 324 -3.31 -23.95 24.21
C ILE A 324 -1.92 -24.02 23.61
N TRP A 325 -1.05 -23.15 24.12
CA TRP A 325 0.38 -23.06 23.74
C TRP A 325 1.19 -23.39 24.99
N TYR A 326 1.95 -24.48 24.96
CA TYR A 326 2.68 -24.92 26.16
C TYR A 326 4.03 -25.62 25.91
N THR A 327 4.92 -25.51 26.90
CA THR A 327 6.26 -26.09 26.91
C THR A 327 6.30 -27.32 27.82
N GLU A 328 6.46 -28.53 27.24
CA GLU A 328 6.64 -29.78 28.00
C GLU A 328 8.13 -29.90 28.29
N LEU A 329 8.52 -30.11 29.54
CA LEU A 329 9.97 -30.26 29.86
C LEU A 329 10.41 -31.66 29.38
N SER A 330 9.47 -32.58 29.38
CA SER A 330 9.60 -33.94 28.86
C SER A 330 8.46 -34.13 27.84
N CYS A 331 8.80 -33.93 26.55
CA CYS A 331 7.89 -33.97 25.40
C CYS A 331 7.15 -35.29 25.25
N THR A 332 5.84 -35.22 24.99
CA THR A 332 4.99 -36.38 24.74
C THR A 332 4.47 -36.38 23.29
N TYR A 333 5.10 -35.58 22.40
CA TYR A 333 4.69 -35.53 21.01
C TYR A 333 5.52 -36.40 20.10
N GLY A 334 4.85 -37.37 19.47
CA GLY A 334 5.46 -38.29 18.51
C GLY A 334 6.64 -39.02 19.12
N ASP A 335 7.83 -38.80 18.57
CA ASP A 335 9.07 -39.40 19.07
C ASP A 335 10.08 -38.36 19.61
N ILE A 336 9.61 -37.09 19.80
CA ILE A 336 10.42 -35.99 20.35
C ILE A 336 10.64 -36.35 21.82
N THR A 337 11.89 -36.20 22.33
CA THR A 337 12.18 -36.61 23.72
C THR A 337 12.43 -35.48 24.72
N GLY A 338 13.15 -34.43 24.32
CA GLY A 338 13.51 -33.34 25.22
C GLY A 338 12.39 -32.37 25.59
N ARG A 339 12.77 -31.10 25.74
CA ARG A 339 11.85 -30.00 26.00
C ARG A 339 11.20 -29.68 24.65
N CYS A 340 9.87 -29.56 24.60
CA CYS A 340 9.21 -29.16 23.35
C CYS A 340 8.06 -28.22 23.66
N THR A 341 7.82 -27.29 22.73
CA THR A 341 6.72 -26.30 22.83
C THR A 341 5.66 -26.70 21.79
N ARG A 342 4.40 -26.80 22.17
CA ARG A 342 3.32 -27.24 21.26
C ARG A 342 2.11 -26.32 21.32
N GLY A 343 1.33 -26.31 20.25
CA GLY A 343 0.05 -25.64 20.17
C GLY A 343 -0.01 -24.25 19.57
N GLY A 344 -1.13 -23.58 19.87
CA GLY A 344 -1.44 -22.24 19.37
C GLY A 344 -2.25 -21.42 20.36
N LEU A 345 -2.53 -20.16 20.08
CA LEU A 345 -3.27 -19.34 21.03
C LEU A 345 -4.60 -18.77 20.49
N GLY A 346 -5.40 -19.68 19.98
CA GLY A 346 -6.80 -19.48 19.56
C GLY A 346 -7.07 -18.49 18.43
N HIS A 347 -8.23 -17.86 18.52
CA HIS A 347 -8.77 -16.95 17.49
C HIS A 347 -9.01 -15.54 18.04
N ILE A 348 -8.34 -14.58 17.42
CA ILE A 348 -8.46 -13.13 17.71
C ILE A 348 -8.74 -12.40 16.39
N SER A 349 -9.27 -11.19 16.45
CA SER A 349 -9.59 -10.41 15.23
C SER A 349 -9.73 -8.92 15.56
N GLN A 350 -9.71 -8.05 14.57
CA GLN A 350 -9.86 -6.59 14.74
C GLN A 350 -10.65 -6.09 13.52
N ALA A 351 -11.59 -5.18 13.69
CA ALA A 351 -12.37 -4.77 12.51
C ALA A 351 -12.90 -3.34 12.65
N VAL A 352 -13.33 -2.77 11.53
CA VAL A 352 -13.91 -1.40 11.51
C VAL A 352 -15.04 -1.40 10.48
N ASP A 353 -16.22 -0.95 10.87
CA ASP A 353 -17.34 -0.90 9.94
C ASP A 353 -17.63 0.56 9.73
N ASN A 354 -17.69 0.99 8.49
CA ASN A 354 -17.95 2.41 8.20
C ASN A 354 -19.32 2.52 7.54
N TYR A 355 -20.07 3.49 8.05
CA TYR A 355 -21.41 3.88 7.53
C TYR A 355 -21.23 5.28 6.96
N THR A 356 -21.15 5.33 5.64
CA THR A 356 -20.83 6.52 4.86
C THR A 356 -22.09 7.13 4.32
N PHE A 357 -22.16 8.46 4.37
CA PHE A 357 -23.28 9.27 3.85
C PHE A 357 -22.59 10.48 3.24
N LYS A 358 -22.53 10.50 1.93
CA LYS A 358 -21.80 11.56 1.21
C LYS A 358 -22.73 12.30 0.25
N THR A 359 -22.48 13.58 0.06
CA THR A 359 -23.21 14.44 -0.88
C THR A 359 -22.26 15.40 -1.51
N ARG A 360 -22.43 15.63 -2.83
CA ARG A 360 -21.65 16.59 -3.56
C ARG A 360 -22.59 17.34 -4.46
N LEU A 361 -22.46 18.67 -4.45
CA LEU A 361 -23.26 19.53 -5.28
C LEU A 361 -22.33 20.30 -6.21
N ASP A 362 -22.51 20.09 -7.52
CA ASP A 362 -21.76 20.75 -8.59
C ASP A 362 -22.68 21.76 -9.24
N TRP A 363 -22.48 23.04 -8.95
CA TRP A 363 -23.25 24.13 -9.53
C TRP A 363 -22.87 24.28 -10.99
N GLN A 364 -23.82 24.72 -11.79
CA GLN A 364 -23.58 24.96 -13.21
C GLN A 364 -22.58 26.13 -13.40
N LYS A 365 -21.82 26.08 -14.49
CA LYS A 365 -20.87 27.13 -14.84
C LYS A 365 -21.67 28.44 -15.08
N PHE A 366 -21.13 29.57 -14.60
CA PHE A 366 -21.71 30.92 -14.77
C PHE A 366 -20.60 32.00 -14.83
N ALA A 367 -20.92 33.19 -15.35
CA ALA A 367 -19.93 34.27 -15.50
C ALA A 367 -20.25 35.48 -14.65
N VAL A 368 -19.18 36.18 -14.18
CA VAL A 368 -19.25 37.41 -13.39
C VAL A 368 -18.28 38.33 -14.15
N GLY A 369 -18.81 38.97 -15.18
CA GLY A 369 -18.03 39.78 -16.09
C GLY A 369 -17.38 38.86 -17.11
N ASN A 370 -16.05 38.80 -17.12
CA ASN A 370 -15.31 37.91 -18.06
C ASN A 370 -14.66 36.76 -17.27
N VAL A 371 -14.98 36.64 -15.99
CA VAL A 371 -14.45 35.61 -15.09
C VAL A 371 -15.49 34.49 -14.98
N SER A 372 -15.10 33.27 -15.37
CA SER A 372 -15.98 32.12 -15.35
C SER A 372 -15.87 31.35 -14.02
N HIS A 373 -17.02 31.03 -13.40
CA HIS A 373 -17.11 30.30 -12.12
C HIS A 373 -17.89 29.00 -12.24
N GLN A 374 -17.37 27.91 -11.63
CA GLN A 374 -18.06 26.61 -11.53
C GLN A 374 -17.84 26.07 -10.10
N PRO A 375 -18.61 26.53 -9.09
CA PRO A 375 -18.37 26.05 -7.72
C PRO A 375 -18.96 24.69 -7.42
N TYR A 376 -18.44 24.06 -6.36
CA TYR A 376 -18.92 22.74 -5.86
C TYR A 376 -18.75 22.64 -4.35
N PHE A 377 -19.66 21.93 -3.69
CA PHE A 377 -19.75 21.77 -2.25
C PHE A 377 -19.98 20.32 -1.90
N GLY A 378 -19.46 19.91 -0.74
CA GLY A 378 -19.62 18.56 -0.25
C GLY A 378 -19.83 18.54 1.24
N ALA A 379 -20.58 17.54 1.68
CA ALA A 379 -20.92 17.25 3.07
C ALA A 379 -20.88 15.75 3.21
N GLU A 380 -20.18 15.26 4.23
CA GLU A 380 -20.05 13.81 4.47
C GLU A 380 -20.11 13.45 5.94
N TYR A 381 -20.74 12.31 6.21
CA TYR A 381 -20.83 11.75 7.54
C TYR A 381 -20.43 10.31 7.50
N ILE A 382 -19.48 9.93 8.35
CA ILE A 382 -19.01 8.56 8.44
C ILE A 382 -19.05 8.06 9.86
N TYR A 383 -19.94 7.12 10.14
CA TYR A 383 -19.95 6.52 11.49
C TYR A 383 -19.03 5.28 11.45
N SER A 384 -18.08 5.20 12.35
CA SER A 384 -17.15 4.04 12.34
C SER A 384 -17.35 3.18 13.59
N ASP A 385 -17.54 1.88 13.39
CA ASP A 385 -17.69 0.95 14.49
C ASP A 385 -16.41 0.16 14.43
N ALA A 386 -15.53 0.34 15.40
CA ALA A 386 -14.21 -0.32 15.39
C ALA A 386 -14.09 -1.31 16.55
N TRP A 387 -13.61 -2.52 16.32
CA TRP A 387 -13.54 -3.46 17.46
C TRP A 387 -12.38 -4.46 17.36
N THR A 388 -12.09 -5.13 18.47
CA THR A 388 -11.09 -6.20 18.55
C THR A 388 -11.74 -7.29 19.40
N GLU A 389 -11.46 -8.56 19.12
CA GLU A 389 -12.12 -9.62 19.84
C GLU A 389 -11.21 -10.80 20.07
N ARG A 390 -11.37 -11.43 21.22
CA ARG A 390 -10.73 -12.74 21.49
C ARG A 390 -11.88 -13.74 21.47
N HIS A 391 -12.02 -14.48 20.39
CA HIS A 391 -13.13 -15.45 20.17
C HIS A 391 -13.14 -16.61 21.16
N ASN A 392 -12.01 -17.13 21.59
CA ASN A 392 -12.03 -18.29 22.51
C ASN A 392 -11.03 -18.11 23.65
N GLN A 393 -11.22 -18.76 24.78
CA GLN A 393 -10.24 -18.65 25.88
C GLN A 393 -8.98 -19.43 25.51
N SER A 394 -7.81 -18.85 25.75
CA SER A 394 -6.55 -19.54 25.44
C SER A 394 -5.69 -19.58 26.70
N GLU A 395 -4.75 -20.52 26.77
CA GLU A 395 -3.86 -20.61 27.93
C GLU A 395 -2.45 -20.92 27.49
N SER A 396 -1.49 -20.51 28.30
CA SER A 396 -0.09 -20.88 28.10
C SER A 396 0.47 -21.37 29.43
N TYR A 397 1.47 -22.27 29.41
CA TYR A 397 2.11 -22.79 30.64
C TYR A 397 3.23 -23.73 30.32
N VAL A 398 4.08 -23.95 31.31
CA VAL A 398 5.18 -24.94 31.24
C VAL A 398 4.71 -26.14 32.08
N ILE A 399 4.68 -27.35 31.54
CA ILE A 399 4.19 -28.51 32.33
C ILE A 399 5.32 -29.54 32.49
N ASN A 400 5.52 -30.04 33.70
CA ASN A 400 6.55 -31.07 34.01
C ASN A 400 6.04 -32.47 33.66
N ALA A 401 6.89 -33.48 33.76
CA ALA A 401 6.51 -34.88 33.43
C ALA A 401 5.36 -35.33 34.34
N ALA A 402 5.39 -34.96 35.62
CA ALA A 402 4.35 -35.29 36.62
C ALA A 402 3.01 -34.60 36.28
N GLY A 403 3.00 -33.48 35.56
CA GLY A 403 1.75 -32.78 35.25
C GLY A 403 1.63 -31.47 36.01
N LYS A 404 2.70 -31.00 36.62
CA LYS A 404 2.68 -29.72 37.38
C LYS A 404 2.80 -28.53 36.41
N LYS A 405 1.76 -27.72 36.29
CA LYS A 405 1.74 -26.54 35.43
C LYS A 405 2.30 -25.34 36.18
N THR A 406 3.21 -24.61 35.53
CA THR A 406 3.87 -23.40 36.06
C THR A 406 3.89 -22.35 34.97
N ASN A 407 4.14 -21.08 35.37
CA ASN A 407 4.18 -19.92 34.47
C ASN A 407 2.89 -19.90 33.60
N HIS A 408 1.75 -20.11 34.26
CA HIS A 408 0.42 -20.18 33.65
C HIS A 408 -0.16 -18.80 33.32
N THR A 409 -0.64 -18.64 32.08
CA THR A 409 -1.31 -17.43 31.60
C THR A 409 -2.63 -17.83 30.94
N ILE A 410 -3.69 -17.06 31.20
CA ILE A 410 -5.01 -17.27 30.61
C ILE A 410 -5.33 -16.06 29.78
N TYR A 411 -5.80 -16.31 28.57
CA TYR A 411 -6.27 -15.24 27.66
C TYR A 411 -7.80 -15.38 27.61
N HIS A 412 -8.51 -14.41 28.15
CA HIS A 412 -9.95 -14.46 28.30
C HIS A 412 -10.76 -14.09 27.08
N LYS A 413 -11.89 -14.76 26.91
CA LYS A 413 -12.82 -14.42 25.81
C LYS A 413 -13.31 -12.99 26.09
N GLY A 414 -13.20 -12.10 25.12
CA GLY A 414 -13.59 -10.71 25.29
C GLY A 414 -13.77 -10.05 23.95
N LYS A 415 -14.30 -8.83 24.00
CA LYS A 415 -14.53 -7.97 22.86
C LYS A 415 -14.58 -6.52 23.39
N GLY A 416 -13.94 -5.62 22.67
CA GLY A 416 -13.94 -4.20 22.96
C GLY A 416 -14.31 -3.42 21.70
N ARG A 417 -15.25 -2.49 21.82
CA ARG A 417 -15.75 -1.74 20.64
C ARG A 417 -15.63 -0.22 20.86
N LEU A 418 -15.48 0.54 19.77
CA LEU A 418 -15.37 2.01 19.82
C LEU A 418 -16.34 2.62 18.83
N GLY A 419 -17.01 3.71 19.16
CA GLY A 419 -17.91 4.38 18.22
C GLY A 419 -17.34 5.73 17.87
N ILE A 420 -17.21 6.04 16.56
CA ILE A 420 -16.61 7.30 16.12
C ILE A 420 -17.46 7.98 15.06
N ASP A 421 -17.71 9.28 15.25
CA ASP A 421 -18.42 10.14 14.31
C ASP A 421 -17.39 11.01 13.54
N ASN A 422 -17.32 10.86 12.20
CA ASN A 422 -16.43 11.66 11.32
C ASN A 422 -17.30 12.53 10.42
N TYR A 423 -16.97 13.81 10.32
CA TYR A 423 -17.72 14.78 9.50
C TYR A 423 -16.81 15.43 8.50
N THR A 424 -17.37 15.83 7.36
CA THR A 424 -16.57 16.51 6.34
C THR A 424 -17.39 17.55 5.64
N LEU A 425 -16.83 18.76 5.49
CA LEU A 425 -17.42 19.86 4.72
C LEU A 425 -16.36 20.36 3.75
N TYR A 426 -16.74 20.66 2.53
CA TYR A 426 -15.78 21.15 1.55
C TYR A 426 -16.41 21.98 0.49
N MET A 427 -15.66 22.91 -0.03
CA MET A 427 -16.12 23.80 -1.08
C MET A 427 -14.95 24.31 -1.89
N ALA A 428 -15.14 24.43 -3.21
CA ALA A 428 -14.10 24.92 -4.10
C ALA A 428 -14.74 25.64 -5.27
N ASP A 429 -14.02 26.56 -5.87
CA ASP A 429 -14.59 27.27 -7.00
C ASP A 429 -13.68 27.12 -8.19
N ARG A 430 -14.26 26.77 -9.33
CA ARG A 430 -13.42 26.66 -10.55
C ARG A 430 -13.49 28.02 -11.25
N ILE A 431 -12.42 28.80 -11.13
CA ILE A 431 -12.39 30.18 -11.69
C ILE A 431 -11.56 30.18 -12.97
N SER A 432 -12.05 30.78 -14.03
CA SER A 432 -11.28 30.80 -15.30
C SER A 432 -11.41 32.15 -16.00
N TRP A 433 -10.32 32.92 -16.07
CA TRP A 433 -10.36 34.20 -16.82
C TRP A 433 -9.27 34.15 -17.91
N ARG A 434 -9.66 34.24 -19.17
CA ARG A 434 -8.73 34.20 -20.32
C ARG A 434 -7.86 32.94 -20.29
N ASN A 435 -6.55 33.10 -20.17
CA ASN A 435 -5.58 31.97 -20.17
C ASN A 435 -5.21 31.55 -18.75
N VAL A 436 -5.91 32.06 -17.74
CA VAL A 436 -5.57 31.69 -16.33
C VAL A 436 -6.69 30.85 -15.71
N SER A 437 -6.34 29.72 -15.11
CA SER A 437 -7.32 28.85 -14.40
C SER A 437 -7.02 28.89 -12.91
N LEU A 438 -8.03 29.11 -12.09
CA LEU A 438 -7.82 29.23 -10.62
C LEU A 438 -8.78 28.29 -9.88
N MET A 439 -8.31 27.54 -8.89
CA MET A 439 -9.25 26.70 -8.11
C MET A 439 -8.99 26.85 -6.62
N PRO A 440 -9.55 27.87 -5.97
CA PRO A 440 -9.38 28.06 -4.54
C PRO A 440 -10.37 27.14 -3.81
N GLY A 441 -9.98 26.59 -2.69
CA GLY A 441 -10.84 25.68 -1.94
C GLY A 441 -10.51 25.57 -0.49
N VAL A 442 -11.48 25.07 0.28
CA VAL A 442 -11.32 24.83 1.71
C VAL A 442 -12.10 23.58 2.14
N ARG A 443 -11.41 22.68 2.84
CA ARG A 443 -11.97 21.47 3.42
C ARG A 443 -11.93 21.57 4.95
N TYR A 444 -12.98 21.04 5.61
CA TYR A 444 -13.14 20.99 7.06
C TYR A 444 -13.38 19.55 7.46
N ASP A 445 -12.61 19.09 8.45
CA ASP A 445 -12.72 17.72 8.99
C ASP A 445 -12.84 17.80 10.49
N TYR A 446 -13.70 16.94 11.06
CA TYR A 446 -13.88 16.74 12.49
C TYR A 446 -14.19 15.28 12.78
N ASP A 447 -13.68 14.76 13.89
CA ASP A 447 -13.99 13.42 14.41
C ASP A 447 -14.00 13.55 15.92
N ASN A 448 -14.70 12.65 16.61
CA ASN A 448 -14.72 12.64 18.06
C ASN A 448 -13.76 11.61 18.66
N TYR A 449 -12.81 11.06 17.87
CA TYR A 449 -11.74 10.14 18.30
C TYR A 449 -10.63 11.00 18.96
N LEU A 450 -10.12 12.01 18.22
CA LEU A 450 -9.14 12.97 18.75
C LEU A 450 -9.81 14.33 19.03
N SER A 451 -11.02 14.58 18.44
CA SER A 451 -11.81 15.81 18.60
C SER A 451 -11.04 17.06 18.18
N ASN A 452 -10.45 17.01 16.98
CA ASN A 452 -9.71 18.10 16.37
C ASN A 452 -10.48 18.67 15.19
N HIS A 453 -10.64 20.00 15.17
CA HIS A 453 -11.28 20.68 14.04
C HIS A 453 -10.13 20.95 13.09
N ASN A 454 -10.13 20.32 11.91
CA ASN A 454 -9.06 20.50 10.95
C ASN A 454 -9.49 21.25 9.69
N ILE A 455 -8.83 22.40 9.42
CA ILE A 455 -9.08 23.24 8.23
C ILE A 455 -7.96 23.00 7.24
N SER A 456 -8.32 22.49 6.03
CA SER A 456 -7.37 22.27 4.94
C SER A 456 -7.58 23.25 3.78
N PRO A 457 -6.73 24.30 3.67
CA PRO A 457 -6.79 25.17 2.48
C PRO A 457 -6.23 24.36 1.30
N ARG A 458 -6.89 24.46 0.15
CA ARG A 458 -6.48 23.75 -1.08
C ARG A 458 -6.46 24.76 -2.22
N PHE A 459 -5.32 25.00 -2.83
CA PHE A 459 -5.24 26.03 -3.91
C PHE A 459 -4.29 25.61 -5.02
N MET A 460 -4.78 25.55 -6.24
CA MET A 460 -3.91 25.26 -7.40
C MET A 460 -4.26 26.24 -8.52
N THR A 461 -3.26 26.77 -9.23
CA THR A 461 -3.54 27.69 -10.35
C THR A 461 -2.78 27.22 -11.59
N GLU A 462 -3.37 27.35 -12.78
CA GLU A 462 -2.69 26.92 -14.02
C GLU A 462 -2.65 28.10 -15.00
N TRP A 463 -1.51 28.34 -15.61
CA TRP A 463 -1.39 29.45 -16.58
C TRP A 463 -0.94 28.93 -17.95
N ASP A 464 -1.69 29.19 -19.01
CA ASP A 464 -1.31 28.79 -20.35
C ASP A 464 -0.56 30.04 -20.74
N ILE A 465 0.76 29.96 -20.79
CA ILE A 465 1.60 31.16 -20.99
C ILE A 465 1.35 31.87 -22.32
N PHE A 466 1.26 31.16 -23.43
CA PHE A 466 1.09 31.85 -24.73
C PHE A 466 -0.33 31.70 -25.28
N ALA A 467 -1.18 30.94 -24.57
CA ALA A 467 -2.60 30.65 -24.87
C ALA A 467 -2.76 29.68 -26.05
N ASN A 468 -1.69 29.06 -26.52
CA ASN A 468 -1.72 28.08 -27.65
C ASN A 468 -1.53 26.66 -27.09
N GLN A 469 -1.55 26.53 -25.76
CA GLN A 469 -1.38 25.25 -25.02
C GLN A 469 -0.02 24.61 -25.34
N THR A 470 1.03 25.40 -25.54
CA THR A 470 2.37 24.84 -25.82
C THR A 470 3.21 24.90 -24.55
N SER A 471 2.98 25.91 -23.71
CA SER A 471 3.71 26.03 -22.43
C SER A 471 2.68 26.28 -21.31
N MET A 472 2.52 25.34 -20.38
CA MET A 472 1.53 25.54 -19.30
C MET A 472 2.18 25.37 -17.93
N ILE A 473 2.01 26.35 -17.06
CA ILE A 473 2.62 26.32 -15.70
C ILE A 473 1.51 26.20 -14.65
N THR A 474 1.69 25.26 -13.74
CA THR A 474 0.76 24.98 -12.62
C THR A 474 1.51 25.17 -11.30
N ALA A 475 0.97 25.96 -10.39
CA ALA A 475 1.62 26.17 -9.07
C ALA A 475 0.56 26.04 -7.97
N GLY A 476 0.92 25.65 -6.77
CA GLY A 476 -0.13 25.55 -5.74
C GLY A 476 0.37 25.31 -4.33
N TYR A 477 -0.49 25.60 -3.38
CA TYR A 477 -0.29 25.43 -1.96
C TYR A 477 -1.49 24.60 -1.43
N ASN A 478 -1.22 23.53 -0.70
CA ASN A 478 -2.31 22.66 -0.16
C ASN A 478 -1.91 22.07 1.20
N ARG A 479 -2.88 21.88 2.11
CA ARG A 479 -2.65 21.19 3.39
C ARG A 479 -3.40 19.87 3.40
N TYR A 480 -2.69 18.82 3.79
CA TYR A 480 -3.27 17.45 3.86
C TYR A 480 -3.22 16.93 5.29
N TYR A 481 -4.38 16.82 5.92
CA TYR A 481 -4.52 16.27 7.27
C TYR A 481 -4.82 14.76 7.19
N GLY A 482 -4.09 13.97 7.97
CA GLY A 482 -4.28 12.53 7.93
C GLY A 482 -5.49 11.97 8.66
N GLY A 483 -5.56 10.65 8.71
CA GLY A 483 -6.64 9.94 9.39
C GLY A 483 -6.18 9.46 10.75
N ASN A 484 -7.02 8.66 11.42
CA ASN A 484 -6.74 8.11 12.75
C ASN A 484 -6.23 6.67 12.74
N ILE A 485 -5.51 6.32 13.78
CA ILE A 485 -5.03 4.93 14.02
C ILE A 485 -5.91 4.40 15.15
N LEU A 486 -6.85 3.54 14.82
CA LEU A 486 -7.84 3.03 15.83
C LEU A 486 -7.20 2.08 16.84
N ASP A 487 -6.00 1.57 16.61
CA ASP A 487 -5.40 0.65 17.57
C ASP A 487 -5.20 1.25 18.93
N MET A 488 -4.76 2.50 18.94
CA MET A 488 -4.48 3.27 20.20
C MET A 488 -5.63 3.13 21.19
N GLY A 489 -6.88 3.27 20.76
CA GLY A 489 -7.98 3.15 21.70
C GLY A 489 -8.43 1.73 21.96
N LEU A 490 -8.06 0.80 21.09
CA LEU A 490 -8.53 -0.61 21.16
C LEU A 490 -7.54 -1.55 21.88
N ARG A 491 -6.25 -1.36 21.77
CA ARG A 491 -5.24 -2.29 22.33
C ARG A 491 -5.41 -2.55 23.83
N ASP A 492 -5.70 -1.54 24.64
CA ASP A 492 -5.78 -1.74 26.08
C ASP A 492 -6.82 -2.79 26.44
N ILE A 493 -7.95 -2.79 25.70
CA ILE A 493 -9.03 -3.77 25.86
C ILE A 493 -8.50 -5.15 25.50
N ARG A 494 -7.68 -5.22 24.45
CA ARG A 494 -7.09 -6.50 24.01
C ARG A 494 -6.05 -6.96 25.03
N ASN A 495 -5.26 -6.04 25.58
CA ASN A 495 -4.21 -6.41 26.57
C ASN A 495 -4.83 -6.74 27.93
N SER A 496 -6.03 -6.24 28.23
CA SER A 496 -6.69 -6.54 29.51
C SER A 496 -7.17 -8.00 29.60
N TRP A 497 -7.41 -8.68 28.45
CA TRP A 497 -7.87 -10.08 28.45
C TRP A 497 -6.86 -11.03 29.05
N THR A 498 -5.61 -10.57 29.20
CA THR A 498 -4.49 -11.33 29.72
C THR A 498 -4.45 -11.37 31.22
N GLU A 499 -4.47 -12.59 31.75
CA GLU A 499 -4.38 -12.81 33.15
C GLU A 499 -3.16 -13.69 33.35
N SER A 500 -2.11 -13.12 33.96
CA SER A 500 -0.83 -13.80 34.25
C SER A 500 -0.27 -13.25 35.56
N VAL A 501 0.81 -13.89 36.06
CA VAL A 501 1.48 -13.49 37.31
C VAL A 501 2.17 -12.13 37.18
N SER A 502 3.19 -12.05 36.30
CA SER A 502 4.00 -10.85 36.07
C SER A 502 3.93 -10.43 34.61
N GLY A 503 2.73 -10.00 34.23
CA GLY A 503 2.44 -9.49 32.91
C GLY A 503 2.01 -8.04 33.04
N ASN A 504 2.71 -7.14 32.32
CA ASN A 504 2.37 -5.73 32.37
C ASN A 504 1.26 -5.44 31.38
N LYS A 505 0.08 -4.99 31.88
CA LYS A 505 -1.01 -4.57 31.02
C LYS A 505 -0.62 -3.19 30.41
N THR A 506 -1.42 -2.68 29.47
CA THR A 506 -1.09 -1.40 28.86
C THR A 506 -2.05 -0.27 29.20
N LEU A 507 -1.53 0.97 29.23
CA LEU A 507 -2.26 2.21 29.33
C LEU A 507 -1.76 3.06 28.15
N THR A 508 -2.68 3.47 27.27
CA THR A 508 -2.34 4.20 26.04
C THR A 508 -2.90 5.61 26.11
N ARG A 509 -2.00 6.61 26.07
CA ARG A 509 -2.36 8.05 26.09
C ARG A 509 -2.25 8.63 24.69
N TYR A 510 -3.40 8.99 24.07
CA TYR A 510 -3.42 9.45 22.65
C TYR A 510 -4.42 10.56 22.30
N GLN A 511 -5.45 10.76 23.15
CA GLN A 511 -6.57 11.65 22.87
C GLN A 511 -6.20 13.14 22.78
N ASP A 512 -5.01 13.55 23.32
CA ASP A 512 -4.49 14.93 23.19
C ASP A 512 -3.70 15.15 21.88
N LEU A 513 -3.49 14.07 21.07
CA LEU A 513 -2.79 14.15 19.78
C LEU A 513 -3.41 15.20 18.84
N LYS A 514 -2.56 15.94 18.18
CA LYS A 514 -2.91 16.81 17.07
C LYS A 514 -2.97 15.87 15.83
N THR A 515 -3.83 16.18 14.82
CA THR A 515 -3.88 15.34 13.62
C THR A 515 -2.61 15.59 12.79
N PRO A 516 -1.86 14.52 12.38
CA PRO A 516 -0.65 14.73 11.56
C PRO A 516 -0.95 15.32 10.16
N TYR A 517 -0.09 16.25 9.66
CA TYR A 517 -0.33 16.83 8.35
C TYR A 517 0.92 17.07 7.48
N ASN A 518 0.66 17.31 6.18
CA ASN A 518 1.66 17.71 5.21
C ASN A 518 1.21 19.03 4.64
N ASP A 519 2.13 19.97 4.57
CA ASP A 519 1.99 21.24 3.86
C ASP A 519 2.73 20.97 2.52
N GLU A 520 2.13 21.40 1.43
CA GLU A 520 2.75 21.12 0.11
C GLU A 520 2.80 22.37 -0.77
N LEU A 521 3.96 22.61 -1.35
CA LEU A 521 4.19 23.68 -2.32
C LEU A 521 4.60 22.94 -3.59
N ALA A 522 3.86 23.09 -4.68
CA ALA A 522 4.18 22.32 -5.91
C ALA A 522 4.12 23.19 -7.17
N MET A 523 5.05 22.94 -8.09
CA MET A 523 5.12 23.67 -9.40
C MET A 523 5.18 22.64 -10.53
N GLY A 524 4.37 22.80 -11.57
CA GLY A 524 4.34 21.84 -12.69
C GLY A 524 4.44 22.51 -14.04
N LEU A 525 5.23 21.94 -14.95
CA LEU A 525 5.38 22.49 -16.28
C LEU A 525 5.09 21.41 -17.32
N GLN A 526 4.25 21.77 -18.31
CA GLN A 526 3.90 20.96 -19.48
C GLN A 526 4.44 21.72 -20.70
N GLN A 527 5.44 21.16 -21.39
CA GLN A 527 6.08 21.86 -22.51
C GLN A 527 6.22 21.04 -23.81
N LYS A 528 5.73 21.62 -24.92
CA LYS A 528 5.86 21.03 -26.26
C LYS A 528 7.21 21.49 -26.83
N ILE A 529 8.12 20.54 -27.12
CA ILE A 529 9.47 20.79 -27.66
C ILE A 529 9.47 20.33 -29.11
N GLY A 530 9.63 21.28 -30.03
CA GLY A 530 9.57 21.00 -31.45
C GLY A 530 8.17 20.57 -31.86
N LYS A 531 8.11 19.66 -32.82
CA LYS A 531 6.85 19.16 -33.36
C LYS A 531 6.31 17.90 -32.67
N ASN A 532 7.20 17.07 -32.12
CA ASN A 532 6.81 15.77 -31.60
C ASN A 532 7.15 15.48 -30.11
N VAL A 533 7.93 16.31 -29.44
CA VAL A 533 8.25 16.03 -28.05
C VAL A 533 7.33 16.75 -27.02
N ILE A 534 6.84 16.00 -26.00
CA ILE A 534 6.09 16.51 -24.83
C ILE A 534 7.02 16.29 -23.62
N ALA A 535 7.34 17.36 -22.93
CA ALA A 535 8.17 17.36 -21.75
C ALA A 535 7.37 17.81 -20.51
N ARG A 536 7.49 17.05 -19.44
CA ARG A 536 6.78 17.32 -18.19
C ARG A 536 7.80 17.46 -17.10
N ALA A 537 7.74 18.56 -16.34
CA ALA A 537 8.65 18.82 -15.22
C ALA A 537 7.80 19.18 -13.99
N ASN A 538 8.04 18.49 -12.90
CA ASN A 538 7.23 18.72 -11.68
C ASN A 538 8.13 18.81 -10.46
N TYR A 539 7.87 19.77 -9.60
CA TYR A 539 8.62 19.86 -8.33
C TYR A 539 7.58 19.86 -7.21
N VAL A 540 7.72 18.97 -6.25
CA VAL A 540 6.76 18.93 -5.11
C VAL A 540 7.56 19.05 -3.82
N TYR A 541 7.24 20.04 -3.01
CA TYR A 541 7.89 20.24 -1.73
C TYR A 541 6.87 19.88 -0.62
N ARG A 542 7.23 18.95 0.25
CA ARG A 542 6.32 18.51 1.34
C ARG A 542 6.96 18.70 2.72
N GLU A 543 6.30 19.42 3.62
CA GLU A 543 6.78 19.54 5.02
C GLU A 543 5.81 18.65 5.77
N ALA A 544 6.30 17.63 6.46
CA ALA A 544 5.43 16.76 7.25
C ALA A 544 5.53 17.17 8.73
N HIS A 545 4.44 17.74 9.26
CA HIS A 545 4.37 18.25 10.61
C HIS A 545 3.50 17.40 11.53
N ASP A 546 3.71 17.57 12.86
CA ASP A 546 2.95 16.89 13.91
C ASP A 546 2.82 15.39 13.65
N GLN A 547 3.88 14.78 13.07
CA GLN A 547 3.91 13.34 12.80
C GLN A 547 3.95 12.57 14.11
N ILE A 548 3.12 11.55 14.15
CA ILE A 548 2.93 10.74 15.35
C ILE A 548 4.14 9.87 15.60
N SER A 549 4.59 9.95 16.84
CA SER A 549 5.61 9.12 17.46
C SER A 549 5.18 8.85 18.93
N LYS A 550 5.99 8.14 19.69
CA LYS A 550 5.58 7.80 21.08
C LYS A 550 6.80 7.70 22.01
N SER A 551 6.52 7.54 23.29
CA SER A 551 7.51 7.35 24.35
C SER A 551 6.80 6.48 25.38
N SER A 552 7.54 5.68 26.13
CA SER A 552 6.95 4.73 27.07
C SER A 552 7.71 4.57 28.35
N ARG A 553 7.03 4.04 29.36
CA ARG A 553 7.59 3.72 30.67
C ARG A 553 6.79 2.63 31.29
N THR A 554 7.43 1.85 32.13
CA THR A 554 6.78 0.78 32.87
C THR A 554 6.76 1.15 34.34
N ASP A 555 5.57 1.07 34.95
CA ASP A 555 5.35 1.35 36.37
C ASP A 555 5.13 0.03 37.11
N SER A 556 6.01 -0.23 38.08
CA SER A 556 6.06 -1.43 38.91
C SER A 556 4.81 -1.64 39.81
N ALA A 557 4.44 -0.62 40.59
CA ALA A 557 3.31 -0.65 41.53
C ALA A 557 1.97 -1.05 40.91
N THR A 558 1.66 -0.50 39.72
CA THR A 558 0.40 -0.74 39.00
C THR A 558 0.53 -1.86 37.94
N LYS A 559 1.78 -2.36 37.69
CA LYS A 559 2.10 -3.41 36.71
C LYS A 559 1.61 -3.00 35.30
N THR A 560 1.94 -1.75 34.89
CA THR A 560 1.48 -1.17 33.64
C THR A 560 2.59 -0.53 32.78
N THR A 561 2.47 -0.69 31.46
CA THR A 561 3.35 -0.05 30.49
C THR A 561 2.55 1.12 29.94
N ILE A 562 2.95 2.36 30.27
CA ILE A 562 2.26 3.57 29.78
C ILE A 562 2.94 4.08 28.52
N THR A 563 2.22 4.02 27.40
CA THR A 563 2.65 4.55 26.12
C THR A 563 1.93 5.86 25.95
N GLU A 564 2.70 6.91 25.72
CA GLU A 564 2.18 8.24 25.49
C GLU A 564 2.55 8.65 24.08
N TYR A 565 1.54 8.74 23.23
CA TYR A 565 1.73 9.17 21.82
C TYR A 565 1.88 10.69 21.78
N ASN A 566 2.68 11.16 20.84
CA ASN A 566 2.96 12.58 20.66
C ASN A 566 3.05 12.90 19.19
N ASN A 567 3.30 14.18 18.88
CA ASN A 567 3.38 14.80 17.57
C ASN A 567 4.78 15.39 17.32
N ASP A 568 5.83 14.69 17.77
CA ASP A 568 7.22 15.16 17.69
C ASP A 568 7.94 14.87 16.38
N GLY A 569 7.36 14.03 15.52
CA GLY A 569 7.97 13.67 14.24
C GLY A 569 7.80 14.74 13.17
N LYS A 570 8.85 14.95 12.39
CA LYS A 570 8.86 15.97 11.30
C LYS A 570 9.83 15.59 10.18
N THR A 571 9.40 15.74 8.93
CA THR A 571 10.23 15.49 7.72
C THR A 571 10.07 16.63 6.71
N LYS A 572 11.10 16.86 5.89
CA LYS A 572 11.13 17.83 4.79
C LYS A 572 11.54 17.04 3.56
N THR A 573 10.74 17.07 2.51
CA THR A 573 11.06 16.27 1.31
C THR A 573 10.97 17.10 0.05
N HIS A 574 11.97 17.01 -0.81
CA HIS A 574 11.98 17.71 -2.11
C HIS A 574 11.74 16.65 -3.18
N SER A 575 10.69 16.79 -3.98
CA SER A 575 10.38 15.77 -5.01
C SER A 575 10.48 16.39 -6.40
N PHE A 576 11.27 15.81 -7.29
CA PHE A 576 11.43 16.37 -8.66
C PHE A 576 11.14 15.29 -9.70
N SER A 577 10.44 15.64 -10.76
CA SER A 577 10.22 14.65 -11.85
C SER A 577 10.37 15.33 -13.21
N LEU A 578 11.04 14.65 -14.13
CA LEU A 578 11.26 15.13 -15.49
C LEU A 578 10.93 13.98 -16.44
N SER A 579 9.96 14.21 -17.34
CA SER A 579 9.46 13.22 -18.29
C SER A 579 9.53 13.74 -19.72
N PHE A 580 9.95 12.87 -20.64
CA PHE A 580 10.02 13.12 -22.08
C PHE A 580 9.24 12.04 -22.81
N GLU A 581 8.36 12.45 -23.72
CA GLU A 581 7.55 11.47 -24.49
C GLU A 581 7.30 11.99 -25.91
N LEU A 582 6.65 11.19 -26.74
CA LEU A 582 6.38 11.57 -28.15
C LEU A 582 4.86 11.67 -28.38
N ALA A 583 4.42 12.71 -29.05
CA ALA A 583 2.98 12.85 -29.40
C ALA A 583 2.66 11.77 -30.43
N GLU A 584 3.58 11.52 -31.34
CA GLU A 584 3.45 10.51 -32.38
C GLU A 584 4.57 9.46 -32.26
N PRO A 585 4.23 8.14 -32.22
CA PRO A 585 5.30 7.11 -32.18
C PRO A 585 5.92 6.89 -33.56
N LEU A 586 7.13 6.30 -33.58
CA LEU A 586 7.86 5.99 -34.81
C LEU A 586 7.19 4.81 -35.52
N HIS A 587 7.36 4.75 -36.83
CA HIS A 587 6.74 3.69 -37.61
C HIS A 587 7.86 3.15 -38.50
N ILE A 588 8.31 1.91 -38.24
CA ILE A 588 9.34 1.30 -39.07
C ILE A 588 8.84 -0.03 -39.56
N ARG A 589 8.62 -0.16 -40.89
CA ARG A 589 8.15 -1.40 -41.52
C ARG A 589 6.95 -2.02 -40.74
N GLN A 590 6.00 -1.13 -40.36
CA GLN A 590 4.76 -1.45 -39.63
C GLN A 590 4.97 -1.76 -38.18
N VAL A 591 6.17 -1.52 -37.64
CA VAL A 591 6.43 -1.69 -36.20
C VAL A 591 6.35 -0.26 -35.63
N ASP A 592 5.41 -0.05 -34.71
CA ASP A 592 5.22 1.22 -34.04
C ASP A 592 6.07 1.24 -32.76
N ILE A 593 6.91 2.26 -32.61
CA ILE A 593 7.79 2.39 -31.45
C ILE A 593 7.34 3.60 -30.64
N ASN A 594 7.00 3.38 -29.38
CA ASN A 594 6.56 4.46 -28.48
C ASN A 594 7.61 4.61 -27.38
N PRO A 595 8.48 5.63 -27.44
CA PRO A 595 9.53 5.74 -26.40
C PRO A 595 9.24 6.81 -25.35
N GLN A 596 9.83 6.65 -24.16
CA GLN A 596 9.68 7.58 -23.04
C GLN A 596 10.86 7.49 -22.07
N ILE A 597 11.31 8.67 -21.61
CA ILE A 597 12.36 8.87 -20.61
C ILE A 597 11.71 9.55 -19.39
N VAL A 598 11.85 8.93 -18.19
CA VAL A 598 11.30 9.44 -16.94
C VAL A 598 12.43 9.55 -15.90
N PHE A 599 12.63 10.76 -15.36
CA PHE A 599 13.58 11.07 -14.29
C PHE A 599 12.77 11.40 -13.09
N SER A 600 13.14 10.82 -11.97
CA SER A 600 12.45 11.00 -10.71
C SER A 600 13.53 11.12 -9.68
N TYR A 601 13.48 12.18 -8.88
CA TYR A 601 14.48 12.40 -7.81
C TYR A 601 13.75 12.77 -6.52
N ILE A 602 13.89 11.98 -5.47
CA ILE A 602 13.17 12.29 -4.20
C ILE A 602 14.16 12.30 -3.02
N LYS A 603 14.38 13.44 -2.41
CA LYS A 603 15.27 13.52 -1.22
C LYS A 603 14.45 13.97 -0.01
N SER A 604 14.55 13.22 1.09
CA SER A 604 13.82 13.47 2.33
C SER A 604 14.70 13.50 3.58
N LYS A 605 14.48 14.46 4.48
CA LYS A 605 15.26 14.56 5.74
C LYS A 605 14.31 14.62 6.95
N GLY A 606 14.49 13.78 7.95
CA GLY A 606 13.57 13.80 9.11
C GLY A 606 14.13 13.09 10.34
N ASN A 607 13.41 13.17 11.45
CA ASN A 607 13.82 12.50 12.71
C ASN A 607 13.00 11.22 12.93
N LEU A 608 12.66 10.49 11.87
CA LEU A 608 11.89 9.27 12.00
C LEU A 608 12.14 8.32 10.83
N SER A 609 11.68 7.07 11.00
CA SER A 609 11.64 6.02 9.98
C SER A 609 10.18 5.82 9.58
N LEU A 610 9.95 5.83 8.28
CA LEU A 610 8.60 5.67 7.67
C LEU A 610 8.01 4.31 8.04
N ASN A 611 8.78 3.23 7.92
CA ASN A 611 8.26 1.90 8.29
C ASN A 611 7.76 1.81 9.76
N ASN A 612 8.47 2.47 10.67
CA ASN A 612 8.09 2.52 12.10
C ASN A 612 6.73 3.22 12.22
N GLY A 613 6.52 4.28 11.46
CA GLY A 613 5.26 5.04 11.47
C GLY A 613 4.98 5.67 12.82
N TYR A 614 3.80 5.42 13.37
CA TYR A 614 3.37 5.99 14.67
C TYR A 614 4.06 5.28 15.85
N GLU A 615 4.66 4.12 15.62
CA GLU A 615 5.39 3.36 16.68
C GLU A 615 6.82 3.90 16.81
N GLU A 616 7.23 4.87 16.01
CA GLU A 616 8.60 5.45 16.09
C GLU A 616 8.79 6.03 17.49
N SER A 617 9.94 5.84 18.12
CA SER A 617 10.13 6.34 19.51
C SER A 617 11.36 7.23 19.65
N ASN A 618 12.15 7.45 18.60
CA ASN A 618 13.36 8.28 18.77
C ASN A 618 13.25 9.77 18.36
N THR A 619 12.03 10.31 18.18
CA THR A 619 11.81 11.72 17.78
C THR A 619 12.18 12.77 18.86
N GLY A 620 12.30 12.32 20.12
CA GLY A 620 12.71 13.16 21.23
C GLY A 620 14.20 13.50 21.17
N ASP A 621 14.98 12.77 20.33
CA ASP A 621 16.41 13.02 20.16
C ASP A 621 16.61 14.23 19.25
N ASN A 622 16.93 15.40 19.84
CA ASN A 622 17.15 16.63 19.10
C ASN A 622 18.41 16.56 18.27
N GLN A 623 19.41 15.82 18.76
CA GLN A 623 20.69 15.68 18.08
C GLN A 623 21.18 14.26 18.02
N VAL A 624 21.90 13.93 16.93
CA VAL A 624 22.51 12.62 16.74
C VAL A 624 23.87 12.76 16.12
N VAL A 625 24.68 11.69 16.26
CA VAL A 625 25.95 11.57 15.57
C VAL A 625 25.61 10.82 14.29
N TYR A 626 25.83 11.49 13.16
CA TYR A 626 25.58 10.93 11.83
C TYR A 626 26.87 10.97 11.02
N ASN A 627 27.41 9.80 10.70
CA ASN A 627 28.66 9.67 9.92
C ASN A 627 29.79 10.49 10.57
N GLY A 628 29.98 10.30 11.87
CA GLY A 628 31.03 10.97 12.64
C GLY A 628 30.77 12.40 13.06
N ASN A 629 29.59 12.94 12.73
CA ASN A 629 29.25 14.33 13.04
C ASN A 629 28.04 14.53 13.93
N LEU A 630 28.16 15.41 14.92
CA LEU A 630 27.06 15.74 15.82
C LEU A 630 26.20 16.74 15.07
N VAL A 631 25.02 16.27 14.62
CA VAL A 631 24.04 17.04 13.80
C VAL A 631 22.62 17.02 14.41
N SER A 632 21.82 17.98 13.97
CA SER A 632 20.39 18.04 14.34
C SER A 632 19.72 16.82 13.70
N TYR A 633 18.90 16.08 14.43
CA TYR A 633 18.28 14.83 13.91
C TYR A 633 17.41 15.12 12.68
N ASP A 634 16.71 16.24 12.64
CA ASP A 634 15.86 16.57 11.50
C ASP A 634 16.61 16.70 10.17
N SER A 635 17.86 17.14 10.20
CA SER A 635 18.73 17.31 8.99
C SER A 635 19.20 15.97 8.42
N VAL A 636 19.08 14.85 9.13
CA VAL A 636 19.57 13.52 8.66
C VAL A 636 18.62 12.90 7.63
N PRO A 637 19.14 12.31 6.54
CA PRO A 637 18.23 11.64 5.56
C PRO A 637 17.35 10.56 6.20
N VAL A 638 16.07 10.44 5.78
CA VAL A 638 15.18 9.37 6.25
C VAL A 638 15.78 7.98 5.83
N ALA A 639 15.85 7.01 6.77
CA ALA A 639 16.49 5.70 6.58
C ALA A 639 15.74 4.68 5.70
N ASP A 640 14.50 4.96 5.28
CA ASP A 640 13.79 3.97 4.46
C ASP A 640 12.99 4.59 3.30
N PHE A 641 12.56 3.76 2.30
CA PHE A 641 11.91 4.27 1.06
C PHE A 641 12.85 5.34 0.47
N ASN A 642 14.17 5.03 0.57
CA ASN A 642 15.28 5.92 0.32
C ASN A 642 16.18 5.57 -0.88
N ASN A 643 15.59 5.33 -2.08
CA ASN A 643 16.38 5.17 -3.32
C ASN A 643 16.12 6.51 -4.03
N PRO A 644 16.95 7.56 -3.80
CA PRO A 644 16.57 8.90 -4.29
C PRO A 644 16.40 9.08 -5.81
N LEU A 645 17.38 8.63 -6.61
CA LEU A 645 17.32 8.85 -8.04
C LEU A 645 16.86 7.66 -8.83
N LYS A 646 15.88 7.90 -9.70
CA LYS A 646 15.31 6.89 -10.58
C LYS A 646 15.25 7.45 -12.01
N ILE A 647 15.81 6.69 -12.95
CA ILE A 647 15.86 7.04 -14.39
C ILE A 647 15.29 5.86 -15.18
N SER A 648 14.30 6.11 -16.04
CA SER A 648 13.69 5.03 -16.80
C SER A 648 13.57 5.24 -18.30
N LEU A 649 13.90 4.21 -19.08
CA LEU A 649 13.68 4.24 -20.51
C LEU A 649 12.61 3.18 -20.74
N ASN A 650 11.41 3.64 -21.12
CA ASN A 650 10.24 2.81 -21.43
C ASN A 650 10.06 2.75 -22.96
N MET A 651 9.72 1.57 -23.51
CA MET A 651 9.62 1.42 -24.96
C MET A 651 8.63 0.32 -25.40
N ASP A 652 7.53 0.74 -26.05
CA ASP A 652 6.54 -0.20 -26.55
C ASP A 652 6.66 -0.38 -28.04
N PHE A 653 6.69 -1.65 -28.46
CA PHE A 653 6.77 -2.10 -29.84
C PHE A 653 5.44 -2.77 -30.16
N THR A 654 4.82 -2.36 -31.23
CA THR A 654 3.54 -2.90 -31.63
C THR A 654 3.66 -3.30 -33.09
N HIS A 655 3.39 -4.58 -33.39
CA HIS A 655 3.37 -5.11 -34.74
C HIS A 655 1.99 -5.75 -34.99
N GLN A 656 1.06 -4.91 -35.44
CA GLN A 656 -0.31 -5.30 -35.72
C GLN A 656 -0.44 -6.47 -36.70
N PRO A 657 0.31 -6.53 -37.85
CA PRO A 657 0.11 -7.66 -38.76
C PRO A 657 0.22 -9.05 -38.11
N SER A 658 1.14 -9.22 -37.15
CA SER A 658 1.36 -10.45 -36.37
C SER A 658 0.56 -10.52 -35.04
N GLY A 659 -0.15 -9.45 -34.69
CA GLY A 659 -0.90 -9.39 -33.44
C GLY A 659 0.00 -9.35 -32.20
N LEU A 660 1.18 -8.72 -32.33
CA LEU A 660 2.15 -8.65 -31.25
C LEU A 660 2.33 -7.27 -30.63
N VAL A 661 2.35 -7.21 -29.29
CA VAL A 661 2.64 -6.02 -28.49
C VAL A 661 3.83 -6.39 -27.60
N TRP A 662 4.88 -5.58 -27.66
CA TRP A 662 6.10 -5.81 -26.85
C TRP A 662 6.30 -4.58 -25.94
N ALA A 663 6.01 -4.74 -24.65
CA ALA A 663 6.14 -3.63 -23.67
C ALA A 663 7.44 -3.81 -22.89
N ASN A 664 8.24 -2.76 -22.79
CA ASN A 664 9.54 -2.87 -22.08
C ASN A 664 9.73 -1.66 -21.17
N THR A 665 10.23 -1.92 -19.97
CA THR A 665 10.54 -0.83 -19.00
C THR A 665 11.98 -1.06 -18.52
N LEU A 666 12.89 -0.15 -18.81
CA LEU A 666 14.28 -0.28 -18.32
C LEU A 666 14.42 0.74 -17.20
N ALA A 667 14.57 0.28 -15.97
CA ALA A 667 14.63 1.24 -14.84
C ALA A 667 15.99 1.18 -14.15
N TRP A 668 16.64 2.32 -14.01
CA TRP A 668 17.91 2.37 -13.25
C TRP A 668 17.58 3.04 -11.92
N GLN A 669 17.88 2.39 -10.81
CA GLN A 669 17.56 2.99 -9.51
C GLN A 669 18.87 3.16 -8.72
N GLU A 670 18.97 4.27 -7.99
CA GLU A 670 20.11 4.58 -7.14
C GLU A 670 20.12 3.64 -5.96
N ALA A 671 21.31 3.37 -5.45
CA ALA A 671 21.51 2.48 -4.29
C ALA A 671 20.90 3.14 -3.05
N ARG A 672 20.30 2.35 -2.17
CA ARG A 672 19.78 2.91 -0.90
C ARG A 672 20.85 2.75 0.18
N LYS A 673 20.77 3.54 1.24
CA LYS A 673 21.72 3.48 2.34
C LYS A 673 21.08 2.68 3.46
N ALA A 674 21.81 1.72 4.01
CA ALA A 674 21.32 0.92 5.15
C ALA A 674 21.82 1.59 6.44
N ARG A 675 20.95 1.96 7.35
CA ARG A 675 21.38 2.65 8.59
C ARG A 675 21.77 1.63 9.65
N ILE A 676 22.91 1.85 10.31
CA ILE A 676 23.40 0.95 11.39
C ILE A 676 23.52 1.76 12.68
N ILE A 677 23.08 1.23 13.80
CA ILE A 677 23.22 1.98 15.09
C ILE A 677 24.54 1.51 15.71
N LEU A 678 25.42 2.44 16.06
CA LEU A 678 26.76 2.08 16.59
C LEU A 678 26.72 1.81 18.10
N GLY A 679 27.33 0.70 18.51
CA GLY A 679 27.52 0.35 19.92
C GLY A 679 28.80 0.97 20.46
N LYS A 680 29.02 0.99 21.76
CA LYS A 680 30.25 1.61 22.34
C LYS A 680 31.50 0.86 21.84
N THR A 681 31.38 -0.41 21.47
CA THR A 681 32.50 -1.23 20.97
C THR A 681 32.93 -0.91 19.54
N ASN A 682 32.03 -0.31 18.77
CA ASN A 682 32.25 -0.01 17.33
C ASN A 682 33.50 0.85 17.13
N ALA A 683 34.29 0.53 16.10
CA ALA A 683 35.50 1.27 15.69
C ALA A 683 35.21 2.72 15.26
N GLN A 684 34.00 2.98 14.79
CA GLN A 684 33.62 4.35 14.34
C GLN A 684 32.89 5.09 15.45
N TYR A 685 32.76 4.50 16.62
CA TYR A 685 32.03 5.16 17.74
C TYR A 685 32.85 6.32 18.30
N ILE A 686 32.18 7.32 18.84
CA ILE A 686 32.84 8.50 19.43
C ILE A 686 32.35 8.62 20.89
N SER A 687 33.24 8.34 21.85
CA SER A 687 32.95 8.38 23.30
C SER A 687 32.63 9.80 23.76
N GLU A 688 33.24 10.81 23.11
CA GLU A 688 33.02 12.24 23.38
C GLU A 688 31.51 12.57 23.34
N TYR A 689 30.78 11.92 22.42
CA TYR A 689 29.35 12.10 22.19
C TYR A 689 28.49 10.91 22.70
N SER A 690 28.98 10.20 23.74
CA SER A 690 28.31 9.02 24.33
C SER A 690 26.86 9.24 24.80
N ASP A 691 26.46 10.50 25.07
CA ASP A 691 25.09 10.81 25.50
C ASP A 691 24.09 10.90 24.33
N TYR A 692 24.56 10.73 23.09
CA TYR A 692 23.74 10.79 21.87
C TYR A 692 23.79 9.45 21.15
N LYS A 693 22.67 9.07 20.48
CA LYS A 693 22.63 7.88 19.61
C LYS A 693 23.51 8.17 18.37
N GLN A 694 24.29 7.19 17.92
CA GLN A 694 25.21 7.42 16.77
C GLN A 694 24.87 6.47 15.62
N TYR A 695 24.80 6.97 14.40
CA TYR A 695 24.44 6.13 13.22
C TYR A 695 25.45 6.32 12.09
N VAL A 696 25.65 5.27 11.30
CA VAL A 696 26.53 5.27 10.10
C VAL A 696 25.67 4.82 8.91
N ASP A 697 25.77 5.46 7.76
CA ASP A 697 25.00 5.04 6.61
C ASP A 697 25.87 4.27 5.64
N GLU A 698 25.47 3.05 5.31
CA GLU A 698 26.24 2.20 4.37
C GLU A 698 25.53 2.17 3.02
N LYS A 699 26.10 2.80 2.00
CA LYS A 699 25.48 2.81 0.65
C LYS A 699 25.55 1.39 0.07
N LEU A 700 24.50 0.91 -0.58
CA LEU A 700 24.53 -0.48 -1.11
C LEU A 700 24.67 -0.51 -2.64
N ASP A 701 23.81 -1.26 -3.33
CA ASP A 701 23.89 -1.43 -4.78
C ASP A 701 22.79 -0.77 -5.60
N SER A 702 23.19 -0.16 -6.71
CA SER A 702 22.24 0.44 -7.68
C SER A 702 21.63 -0.68 -8.53
N SER A 703 20.47 -0.50 -9.12
CA SER A 703 19.89 -1.62 -9.89
C SER A 703 19.43 -1.21 -11.29
N LEU A 704 19.82 -1.97 -12.29
CA LEU A 704 19.32 -1.73 -13.67
C LEU A 704 18.28 -2.83 -13.88
N THR A 705 17.00 -2.47 -13.89
CA THR A 705 15.94 -3.53 -13.97
C THR A 705 15.19 -3.44 -15.29
N TRP A 706 15.19 -4.52 -16.05
CA TRP A 706 14.48 -4.56 -17.35
C TRP A 706 13.27 -5.50 -17.21
N ASP A 707 12.06 -4.96 -17.20
CA ASP A 707 10.85 -5.76 -17.09
C ASP A 707 10.20 -5.76 -18.46
N THR A 708 9.73 -6.91 -18.90
CA THR A 708 9.15 -6.97 -20.26
C THR A 708 7.88 -7.81 -20.28
N ARG A 709 7.01 -7.54 -21.25
CA ARG A 709 5.76 -8.30 -21.43
C ARG A 709 5.53 -8.47 -22.93
N LEU A 710 5.47 -9.69 -23.42
CA LEU A 710 5.25 -9.93 -24.87
C LEU A 710 3.84 -10.51 -25.03
N SER A 711 2.95 -9.80 -25.69
CA SER A 711 1.57 -10.26 -25.83
C SER A 711 1.24 -10.57 -27.28
N TRP A 712 0.82 -11.83 -27.54
CA TRP A 712 0.43 -12.31 -28.86
C TRP A 712 -1.06 -12.61 -28.93
N THR A 713 -1.73 -11.98 -29.89
CA THR A 713 -3.15 -12.17 -30.18
C THR A 713 -3.20 -12.91 -31.53
N PRO A 714 -3.31 -14.25 -31.53
CA PRO A 714 -3.41 -15.03 -32.80
C PRO A 714 -4.46 -14.46 -33.76
N GLN A 715 -3.98 -13.86 -34.86
CA GLN A 715 -4.81 -13.17 -35.90
C GLN A 715 -5.74 -14.14 -36.64
N PHE A 716 -5.43 -15.43 -36.70
CA PHE A 716 -6.31 -16.36 -37.45
C PHE A 716 -7.73 -16.40 -36.84
N LEU A 717 -7.87 -16.22 -35.54
CA LEU A 717 -9.20 -16.29 -34.88
C LEU A 717 -10.01 -15.01 -35.11
N GLN A 718 -11.24 -15.16 -35.59
CA GLN A 718 -12.17 -14.01 -35.83
C GLN A 718 -12.53 -13.45 -34.44
N GLN A 719 -12.57 -12.11 -34.32
CA GLN A 719 -12.89 -11.28 -33.11
C GLN A 719 -11.68 -11.19 -32.17
N GLN A 720 -10.53 -11.76 -32.52
CA GLN A 720 -9.30 -11.67 -31.69
C GLN A 720 -9.58 -12.09 -30.24
N ASN A 721 -10.27 -13.20 -30.04
CA ASN A 721 -10.64 -13.71 -28.69
C ASN A 721 -9.41 -14.14 -27.86
N LEU A 722 -8.43 -14.81 -28.45
CA LEU A 722 -7.31 -15.38 -27.63
C LEU A 722 -6.07 -14.49 -27.60
N THR A 723 -5.46 -14.38 -26.41
CA THR A 723 -4.19 -13.62 -26.21
C THR A 723 -3.28 -14.42 -25.28
N ILE A 724 -2.06 -14.70 -25.71
CA ILE A 724 -1.05 -15.44 -24.89
C ILE A 724 0.05 -14.44 -24.53
N SER A 725 0.42 -14.31 -23.26
CA SER A 725 1.48 -13.31 -22.93
C SER A 725 2.56 -13.92 -22.04
N ALA A 726 3.77 -13.39 -22.14
CA ALA A 726 4.90 -13.83 -21.30
C ALA A 726 5.47 -12.59 -20.61
N ASP A 727 5.67 -12.63 -19.31
CA ASP A 727 6.22 -11.50 -18.62
C ASP A 727 7.61 -11.90 -18.21
N ILE A 728 8.58 -11.03 -18.41
CA ILE A 728 9.93 -11.33 -17.88
C ILE A 728 10.31 -10.18 -16.96
N LEU A 729 10.51 -10.45 -15.68
CA LEU A 729 10.91 -9.39 -14.72
C LEU A 729 12.41 -9.52 -14.47
N ASN A 730 13.13 -8.42 -14.48
CA ASN A 730 14.61 -8.41 -14.28
C ASN A 730 15.24 -9.32 -15.35
N VAL A 731 15.08 -8.95 -16.62
CA VAL A 731 15.61 -9.74 -17.77
C VAL A 731 17.12 -9.94 -17.63
N LEU A 732 17.86 -8.92 -17.19
CA LEU A 732 19.32 -9.01 -17.11
C LEU A 732 19.78 -9.82 -15.91
N ASP A 733 18.84 -10.25 -15.03
CA ASP A 733 19.14 -10.95 -13.77
C ASP A 733 20.12 -10.16 -12.91
N SER A 734 19.90 -8.85 -12.75
CA SER A 734 20.69 -7.97 -11.91
C SER A 734 20.66 -8.52 -10.46
N LYS A 735 21.83 -8.57 -9.83
CA LYS A 735 21.98 -8.96 -8.42
C LYS A 735 22.12 -7.66 -7.63
N THR A 736 21.07 -7.23 -6.93
CA THR A 736 21.13 -5.94 -6.18
C THR A 736 20.97 -6.19 -4.69
N ALA A 737 21.87 -5.67 -3.89
CA ALA A 737 21.75 -5.82 -2.42
C ALA A 737 20.76 -4.77 -1.91
N VAL A 738 19.54 -5.17 -1.56
CA VAL A 738 18.53 -4.21 -1.02
C VAL A 738 18.81 -3.88 0.47
N ASP A 739 19.23 -4.87 1.27
CA ASP A 739 19.47 -4.63 2.69
C ASP A 739 20.64 -5.47 3.22
N THR A 740 21.27 -4.98 4.27
CA THR A 740 22.44 -5.67 4.88
C THR A 740 22.34 -5.65 6.40
N THR A 741 22.74 -6.75 7.04
CA THR A 741 22.74 -6.87 8.52
C THR A 741 24.01 -6.22 9.10
N ASN A 742 24.09 -6.12 10.42
CA ASN A 742 25.28 -5.51 11.08
C ASN A 742 26.53 -6.34 10.73
N THR A 743 26.43 -7.66 10.72
CA THR A 743 27.56 -8.55 10.35
C THR A 743 27.99 -8.29 8.90
N GLY A 744 27.05 -8.02 8.01
CA GLY A 744 27.35 -7.75 6.60
C GLY A 744 26.57 -8.67 5.68
N VAL A 745 25.72 -9.50 6.25
CA VAL A 745 24.90 -10.46 5.48
C VAL A 745 23.86 -9.71 4.64
N ALA A 746 23.94 -9.84 3.31
CA ALA A 746 23.10 -9.10 2.39
C ALA A 746 21.81 -9.80 1.94
N THR A 747 20.75 -8.97 1.75
CA THR A 747 19.43 -9.38 1.25
C THR A 747 19.41 -8.86 -0.15
N TYR A 748 18.92 -9.68 -1.08
CA TYR A 748 18.88 -9.31 -2.50
C TYR A 748 17.50 -9.13 -3.05
N ALA A 749 17.38 -8.19 -3.99
CA ALA A 749 16.18 -7.96 -4.79
C ALA A 749 15.91 -9.27 -5.57
N SER A 750 14.73 -9.43 -6.11
CA SER A 750 14.45 -10.69 -6.87
C SER A 750 15.23 -10.71 -8.19
N GLY A 751 15.55 -11.90 -8.67
CA GLY A 751 16.29 -12.09 -9.93
C GLY A 751 15.35 -12.26 -11.11
N ARG A 752 15.82 -12.81 -12.21
CA ARG A 752 14.96 -13.00 -13.41
C ARG A 752 13.72 -13.82 -13.03
N THR A 753 12.55 -13.38 -13.47
CA THR A 753 11.28 -14.11 -13.15
C THR A 753 10.44 -14.22 -14.43
N PHE A 754 9.82 -15.37 -14.67
CA PHE A 754 8.99 -15.55 -15.88
C PHE A 754 7.52 -15.75 -15.48
N TRP A 755 6.62 -15.04 -16.12
CA TRP A 755 5.16 -15.14 -15.86
C TRP A 755 4.47 -15.54 -17.18
N LEU A 756 3.58 -16.51 -17.17
CA LEU A 756 2.87 -16.93 -18.41
C LEU A 756 1.37 -16.71 -18.22
N ASP A 757 0.69 -16.02 -19.13
CA ASP A 757 -0.75 -15.83 -18.97
C ASP A 757 -1.57 -15.94 -20.26
N VAL A 758 -2.79 -16.45 -20.12
CA VAL A 758 -3.71 -16.70 -21.27
C VAL A 758 -5.04 -16.00 -21.01
N SER A 759 -5.64 -15.35 -22.00
CA SER A 759 -6.97 -14.71 -21.76
C SER A 759 -7.89 -14.96 -22.97
N MET A 760 -9.13 -15.36 -22.73
CA MET A 760 -10.11 -15.64 -23.81
C MET A 760 -11.31 -14.70 -23.70
N LYS A 761 -11.72 -14.06 -24.78
CA LYS A 761 -12.90 -13.15 -24.80
C LYS A 761 -14.06 -13.86 -25.51
N PHE A 762 -15.31 -13.62 -25.10
CA PHE A 762 -16.49 -14.23 -25.71
C PHE A 762 -17.64 -13.23 -25.82
#